data_8IQ1
#
_entry.id   8IQ1
#
_cell.length_a   46.126
_cell.length_b   69.961
_cell.length_c   91.345
_cell.angle_alpha   98.690
_cell.angle_beta   94.830
_cell.angle_gamma   103.310
#
_symmetry.space_group_name_H-M   'P 1'
#
loop_
_entity.id
_entity.type
_entity.pdbx_description
1 polymer 'Superoxide dismutase [Cu-Zn]'
2 non-polymer 'COPPER (II) ION'
3 non-polymer 'ZINC ION'
4 non-polymer 1,2-ETHANEDIOL
5 non-polymer 'HYDROSULFURIC ACID'
6 non-polymer 'SULFATE ION'
7 non-polymer 'CHLORIDE ION'
8 non-polymer GLYCEROL
9 water water
#
_entity_poly.entity_id   1
_entity_poly.type   'polypeptide(L)'
_entity_poly.pdbx_seq_one_letter_code
;ATKAVCVLKGDGPVQGTIHFEAKGDTVVVTGSITGLTEGDHGFHVHQFGDNTQGCTSAGPHFNPLSKKHGGPKDEERHVG
DLGNVTADKNGVAIVDIVDPLISLSGEYSIIGRTMVVHEKPDDLGRGGNEESTKTGNAGSRLACGVIGIAK
;
_entity_poly.pdbx_strand_id   A,B,C,D,E,F,G,H
#
# COMPACT_ATOMS: atom_id res chain seq x y z
N ALA A 1 3.12 -25.46 11.87
CA ALA A 1 1.89 -26.19 11.60
C ALA A 1 2.18 -27.66 11.31
N THR A 2 1.39 -28.54 11.91
CA THR A 2 1.55 -29.96 11.73
C THR A 2 0.40 -30.64 11.04
N LYS A 3 -0.75 -29.96 10.85
CA LYS A 3 -1.84 -30.55 10.11
C LYS A 3 -2.47 -29.55 9.14
N ALA A 4 -2.84 -30.06 7.98
CA ALA A 4 -3.46 -29.27 6.93
C ALA A 4 -4.50 -30.14 6.23
N VAL A 5 -5.34 -29.50 5.41
CA VAL A 5 -6.41 -30.19 4.70
C VAL A 5 -6.68 -29.43 3.40
N CYS A 6 -7.16 -30.16 2.39
CA CYS A 6 -7.42 -29.60 1.07
C CYS A 6 -8.63 -30.31 0.46
N VAL A 7 -9.62 -29.54 0.02
CA VAL A 7 -10.81 -30.06 -0.64
C VAL A 7 -10.69 -29.79 -2.13
N LEU A 8 -10.66 -30.86 -2.92
CA LEU A 8 -10.50 -30.74 -4.37
C LEU A 8 -11.86 -30.59 -5.02
N LYS A 9 -11.96 -29.61 -5.92
CA LYS A 9 -13.16 -29.36 -6.70
C LYS A 9 -12.76 -28.91 -8.11
N GLY A 10 -13.65 -29.17 -9.06
CA GLY A 10 -13.40 -28.78 -10.44
C GLY A 10 -14.69 -28.54 -11.21
N ASP A 11 -14.59 -28.40 -12.53
CA ASP A 11 -15.78 -28.17 -13.32
C ASP A 11 -16.57 -29.44 -13.58
N GLY A 12 -15.96 -30.60 -13.37
CA GLY A 12 -16.59 -31.87 -13.60
C GLY A 12 -16.89 -32.59 -12.30
N PRO A 13 -16.87 -33.93 -12.34
CA PRO A 13 -17.22 -34.72 -11.16
C PRO A 13 -16.09 -35.03 -10.19
N VAL A 14 -14.84 -34.66 -10.51
CA VAL A 14 -13.72 -35.05 -9.62
C VAL A 14 -13.78 -34.31 -8.27
N GLN A 15 -13.57 -35.05 -7.20
CA GLN A 15 -13.64 -34.48 -5.84
C GLN A 15 -12.74 -35.28 -4.91
N GLY A 16 -12.45 -34.68 -3.78
CA GLY A 16 -11.56 -35.35 -2.84
C GLY A 16 -11.18 -34.47 -1.68
N THR A 17 -10.86 -35.12 -0.61
CA THR A 17 -10.34 -34.44 0.56
C THR A 17 -8.98 -35.05 0.88
N ILE A 18 -7.97 -34.18 0.95
CA ILE A 18 -6.59 -34.58 1.22
C ILE A 18 -6.21 -34.03 2.57
N HIS A 19 -5.57 -34.87 3.40
CA HIS A 19 -5.06 -34.47 4.69
C HIS A 19 -3.54 -34.51 4.68
N PHE A 20 -2.94 -33.61 5.45
CA PHE A 20 -1.50 -33.48 5.54
C PHE A 20 -1.08 -33.52 6.99
N GLU A 21 -0.02 -34.27 7.29
CA GLU A 21 0.47 -34.34 8.66
C GLU A 21 1.99 -34.29 8.67
N ALA A 22 2.56 -33.40 9.49
CA ALA A 22 4.01 -33.34 9.62
C ALA A 22 4.49 -34.49 10.51
N LYS A 23 5.43 -35.29 9.99
CA LYS A 23 6.04 -36.37 10.77
C LYS A 23 7.54 -36.34 10.51
N GLY A 24 8.32 -36.02 11.54
CA GLY A 24 9.75 -35.80 11.36
C GLY A 24 9.96 -34.72 10.33
N ASP A 25 10.86 -34.95 9.37
CA ASP A 25 11.08 -33.95 8.33
C ASP A 25 10.29 -34.26 7.07
N THR A 26 9.23 -35.04 7.18
CA THR A 26 8.38 -35.37 6.06
C THR A 26 6.99 -34.81 6.24
N VAL A 27 6.22 -34.86 5.16
CA VAL A 27 4.80 -34.61 5.19
C VAL A 27 4.09 -35.87 4.70
N VAL A 28 3.16 -36.36 5.52
CA VAL A 28 2.36 -37.53 5.17
C VAL A 28 1.07 -37.03 4.54
N VAL A 29 0.82 -37.45 3.30
CA VAL A 29 -0.32 -36.99 2.52
C VAL A 29 -1.26 -38.16 2.38
N THR A 30 -2.48 -38.00 2.88
CA THR A 30 -3.46 -39.07 2.88
C THR A 30 -4.80 -38.54 2.40
N GLY A 31 -5.69 -39.45 2.12
CA GLY A 31 -7.03 -39.09 1.72
C GLY A 31 -7.43 -39.94 0.54
N SER A 32 -8.46 -39.48 -0.15
CA SER A 32 -9.03 -40.20 -1.27
C SER A 32 -9.57 -39.20 -2.29
N ILE A 33 -9.51 -39.57 -3.55
CA ILE A 33 -10.09 -38.81 -4.65
C ILE A 33 -11.03 -39.71 -5.44
N THR A 34 -12.21 -39.18 -5.78
CA THR A 34 -13.27 -39.92 -6.46
C THR A 34 -13.61 -39.26 -7.79
N GLY A 35 -14.35 -40.01 -8.62
CA GLY A 35 -14.77 -39.52 -9.92
C GLY A 35 -13.76 -39.58 -11.04
N LEU A 36 -12.64 -40.27 -10.85
CA LEU A 36 -11.59 -40.30 -11.86
C LEU A 36 -11.78 -41.46 -12.84
N THR A 37 -11.13 -41.34 -14.01
CA THR A 37 -11.01 -42.50 -14.88
C THR A 37 -9.99 -43.47 -14.29
N GLU A 38 -10.21 -44.76 -14.54
CA GLU A 38 -9.31 -45.77 -14.02
C GLU A 38 -7.91 -45.52 -14.54
N GLY A 39 -6.93 -45.75 -13.68
CA GLY A 39 -5.53 -45.57 -14.03
C GLY A 39 -4.93 -44.37 -13.31
N ASP A 40 -3.76 -43.96 -13.79
CA ASP A 40 -2.93 -42.95 -13.13
C ASP A 40 -3.29 -41.52 -13.52
N HIS A 41 -3.10 -40.61 -12.56
CA HIS A 41 -3.37 -39.19 -12.75
C HIS A 41 -2.30 -38.40 -12.02
N GLY A 42 -1.73 -37.40 -12.69
CA GLY A 42 -0.72 -36.56 -12.07
C GLY A 42 -1.29 -35.82 -10.88
N PHE A 43 -0.41 -35.51 -9.93
CA PHE A 43 -0.83 -35.00 -8.62
C PHE A 43 0.29 -34.13 -8.08
N HIS A 44 0.07 -32.80 -8.02
CA HIS A 44 1.13 -31.88 -7.61
C HIS A 44 0.61 -30.72 -6.77
N VAL A 45 1.52 -30.17 -5.97
CA VAL A 45 1.32 -28.86 -5.35
C VAL A 45 1.72 -27.80 -6.37
N HIS A 46 0.80 -26.90 -6.66
CA HIS A 46 1.08 -25.77 -7.52
C HIS A 46 1.31 -24.52 -6.67
N GLN A 47 1.93 -23.51 -7.29
CA GLN A 47 2.54 -22.43 -6.53
C GLN A 47 1.53 -21.56 -5.81
N PHE A 48 0.44 -21.16 -6.47
CA PHE A 48 -0.44 -20.15 -5.93
C PHE A 48 -1.77 -20.71 -5.44
N GLY A 49 -2.21 -20.23 -4.27
CA GLY A 49 -3.53 -20.60 -3.76
C GLY A 49 -4.59 -19.66 -4.29
N ASP A 50 -4.61 -19.54 -5.61
CA ASP A 50 -5.42 -18.55 -6.31
C ASP A 50 -6.41 -19.32 -7.18
N ASN A 51 -7.68 -19.27 -6.82
CA ASN A 51 -8.74 -19.95 -7.57
C ASN A 51 -9.61 -18.97 -8.36
N THR A 52 -9.12 -17.74 -8.62
CA THR A 52 -9.96 -16.75 -9.28
C THR A 52 -10.39 -17.18 -10.68
N GLN A 53 -9.55 -17.94 -11.38
CA GLN A 53 -9.91 -18.49 -12.68
C GLN A 53 -9.88 -20.01 -12.66
N GLY A 54 -10.52 -20.61 -11.67
CA GLY A 54 -10.49 -22.04 -11.51
C GLY A 54 -9.07 -22.54 -11.22
N CYS A 55 -8.78 -23.76 -11.69
CA CYS A 55 -7.48 -24.33 -11.41
C CYS A 55 -6.38 -23.69 -12.23
N THR A 56 -6.76 -22.91 -13.25
CA THR A 56 -5.78 -22.25 -14.11
C THR A 56 -4.91 -21.29 -13.32
N SER A 57 -5.52 -20.54 -12.41
CA SER A 57 -4.81 -19.50 -11.70
C SER A 57 -3.88 -20.03 -10.63
N ALA A 58 -3.82 -21.36 -10.43
CA ALA A 58 -2.88 -21.91 -9.46
C ALA A 58 -1.43 -21.77 -9.92
N GLY A 59 -1.18 -21.44 -11.17
CA GLY A 59 0.18 -21.33 -11.65
C GLY A 59 0.84 -22.68 -11.83
N PRO A 60 2.17 -22.68 -11.94
CA PRO A 60 2.92 -23.91 -12.27
C PRO A 60 3.15 -24.77 -11.02
N HIS A 61 3.83 -25.88 -11.21
CA HIS A 61 4.25 -26.68 -10.06
C HIS A 61 5.11 -25.84 -9.13
N PHE A 62 4.88 -25.98 -7.81
CA PHE A 62 5.68 -25.24 -6.84
C PHE A 62 7.16 -25.63 -7.00
N ASN A 63 8.01 -24.65 -7.35
CA ASN A 63 9.38 -24.96 -7.77
C ASN A 63 10.35 -23.86 -7.34
N PRO A 64 10.54 -23.66 -6.02
CA PRO A 64 11.43 -22.57 -5.56
C PRO A 64 12.88 -22.80 -5.92
N LEU A 65 13.31 -24.02 -6.17
CA LEU A 65 14.69 -24.26 -6.55
C LEU A 65 14.93 -24.20 -8.05
N SER A 66 13.90 -23.94 -8.85
CA SER A 66 14.01 -23.77 -10.29
C SER A 66 14.67 -24.98 -10.95
N LYS A 67 14.22 -26.17 -10.56
CA LYS A 67 14.73 -27.42 -11.11
C LYS A 67 13.78 -27.95 -12.17
N LYS A 68 14.19 -29.04 -12.80
CA LYS A 68 13.36 -29.68 -13.80
C LYS A 68 12.31 -30.59 -13.12
N HIS A 69 11.22 -30.82 -13.84
CA HIS A 69 10.15 -31.69 -13.35
C HIS A 69 10.65 -33.12 -13.22
N GLY A 70 10.21 -33.80 -12.17
CA GLY A 70 10.53 -35.20 -11.99
C GLY A 70 9.48 -35.94 -11.20
N GLY A 71 9.81 -37.15 -10.78
CA GLY A 71 9.01 -37.87 -9.83
C GLY A 71 9.44 -37.59 -8.40
N PRO A 72 8.60 -37.97 -7.44
CA PRO A 72 8.94 -37.73 -6.02
C PRO A 72 10.20 -38.46 -5.56
N LYS A 73 10.58 -39.56 -6.22
CA LYS A 73 11.79 -40.32 -5.91
C LYS A 73 13.06 -39.66 -6.43
N ASP A 74 12.94 -38.75 -7.39
CA ASP A 74 14.11 -38.19 -8.06
C ASP A 74 14.73 -37.05 -7.26
N GLU A 75 16.05 -36.93 -7.36
CA GLU A 75 16.72 -35.77 -6.78
C GLU A 75 16.37 -34.50 -7.57
N GLU A 76 16.32 -34.61 -8.89
CA GLU A 76 15.93 -33.49 -9.76
C GLU A 76 14.42 -33.52 -9.91
N ARG A 77 13.75 -32.66 -9.16
CA ARG A 77 12.30 -32.59 -9.17
C ARG A 77 11.92 -31.20 -8.66
N HIS A 78 10.68 -30.82 -8.94
CA HIS A 78 10.05 -29.68 -8.27
C HIS A 78 9.67 -30.05 -6.83
N VAL A 79 9.65 -29.04 -5.95
CA VAL A 79 9.16 -29.31 -4.60
C VAL A 79 7.75 -29.91 -4.65
N GLY A 80 6.89 -29.40 -5.53
CA GLY A 80 5.52 -29.86 -5.59
C GLY A 80 5.25 -31.18 -6.30
N ASP A 81 6.28 -31.88 -6.80
CA ASP A 81 6.10 -33.08 -7.63
C ASP A 81 5.78 -34.31 -6.77
N LEU A 82 4.50 -34.66 -6.65
CA LEU A 82 4.11 -35.84 -5.87
C LEU A 82 3.75 -37.05 -6.72
N GLY A 83 4.02 -37.00 -8.02
CA GLY A 83 3.90 -38.18 -8.86
C GLY A 83 2.48 -38.45 -9.29
N ASN A 84 2.06 -39.72 -9.21
CA ASN A 84 0.76 -40.14 -9.70
C ASN A 84 -0.09 -40.72 -8.59
N VAL A 85 -1.37 -40.41 -8.62
CA VAL A 85 -2.33 -41.19 -7.84
C VAL A 85 -3.02 -42.17 -8.80
N THR A 86 -3.52 -43.28 -8.27
CA THR A 86 -4.04 -44.37 -9.08
C THR A 86 -5.49 -44.66 -8.70
N ALA A 87 -6.41 -44.48 -9.65
CA ALA A 87 -7.82 -44.77 -9.46
C ALA A 87 -8.14 -46.19 -9.90
N ASP A 88 -8.99 -46.88 -9.12
CA ASP A 88 -9.37 -48.24 -9.45
C ASP A 88 -10.52 -48.22 -10.46
N LYS A 89 -11.09 -49.40 -10.72
CA LYS A 89 -12.22 -49.50 -11.66
C LYS A 89 -13.37 -48.61 -11.23
N ASN A 90 -13.42 -48.35 -9.97
CA ASN A 90 -14.43 -47.56 -9.43
C ASN A 90 -14.07 -46.06 -9.37
N GLY A 91 -12.96 -45.65 -9.96
CA GLY A 91 -12.61 -44.24 -9.99
C GLY A 91 -12.12 -43.71 -8.67
N VAL A 92 -11.73 -44.59 -7.75
CA VAL A 92 -11.29 -44.18 -6.42
C VAL A 92 -9.77 -44.28 -6.39
N ALA A 93 -9.14 -43.18 -6.03
CA ALA A 93 -7.70 -43.15 -5.85
C ALA A 93 -7.44 -42.99 -4.37
N ILE A 94 -6.70 -43.91 -3.79
CA ILE A 94 -6.29 -43.81 -2.40
C ILE A 94 -4.97 -43.06 -2.36
N VAL A 95 -4.97 -41.91 -1.70
CA VAL A 95 -3.79 -41.08 -1.66
C VAL A 95 -2.99 -41.48 -0.43
N ASP A 96 -1.77 -41.92 -0.65
CA ASP A 96 -0.92 -42.34 0.46
C ASP A 96 0.51 -42.05 0.04
N ILE A 97 0.98 -40.87 0.43
CA ILE A 97 2.26 -40.33 0.01
C ILE A 97 2.98 -39.84 1.25
N VAL A 98 4.27 -40.19 1.36
CA VAL A 98 5.14 -39.65 2.38
C VAL A 98 6.24 -38.89 1.64
N ASP A 99 6.33 -37.59 1.87
CA ASP A 99 7.26 -36.82 1.06
C ASP A 99 8.25 -36.06 1.92
N PRO A 100 9.53 -36.12 1.58
CA PRO A 100 10.54 -35.39 2.35
C PRO A 100 10.79 -33.95 1.90
N LEU A 101 10.22 -33.51 0.78
CA LEU A 101 10.54 -32.21 0.22
C LEU A 101 9.48 -31.14 0.51
N ILE A 102 8.20 -31.46 0.33
CA ILE A 102 7.16 -30.51 0.76
C ILE A 102 7.23 -30.36 2.28
N SER A 103 6.66 -29.27 2.77
CA SER A 103 6.65 -29.04 4.20
C SER A 103 5.37 -28.30 4.55
N LEU A 104 5.04 -28.29 5.84
CA LEU A 104 3.94 -27.48 6.32
C LEU A 104 4.42 -26.20 7.00
N SER A 105 5.72 -25.91 6.97
CA SER A 105 6.23 -24.69 7.56
C SER A 105 7.53 -24.29 6.89
N GLY A 106 7.93 -23.05 7.12
CA GLY A 106 9.21 -22.57 6.61
C GLY A 106 9.13 -22.34 5.11
N GLU A 107 10.30 -22.32 4.47
CA GLU A 107 10.37 -21.87 3.07
C GLU A 107 9.53 -22.74 2.13
N TYR A 108 9.51 -24.05 2.36
CA TYR A 108 8.77 -24.92 1.47
C TYR A 108 7.36 -25.21 1.94
N SER A 109 6.81 -24.38 2.82
CA SER A 109 5.44 -24.62 3.27
C SER A 109 4.47 -24.61 2.09
N ILE A 110 3.58 -25.61 2.04
CA ILE A 110 2.53 -25.65 1.04
C ILE A 110 1.20 -25.14 1.57
N ILE A 111 1.17 -24.67 2.83
CA ILE A 111 -0.02 -24.01 3.34
C ILE A 111 -0.32 -22.80 2.47
N GLY A 112 -1.56 -22.68 2.03
CA GLY A 112 -1.91 -21.59 1.14
C GLY A 112 -1.55 -21.80 -0.31
N ARG A 113 -1.02 -22.96 -0.69
CA ARG A 113 -0.79 -23.28 -2.08
C ARG A 113 -1.91 -24.20 -2.55
N THR A 114 -1.77 -24.79 -3.74
CA THR A 114 -2.90 -25.50 -4.37
C THR A 114 -2.49 -26.92 -4.72
N MET A 115 -3.33 -27.89 -4.36
CA MET A 115 -3.22 -29.26 -4.85
C MET A 115 -4.00 -29.37 -6.14
N VAL A 116 -3.44 -30.04 -7.15
CA VAL A 116 -4.11 -30.21 -8.44
C VAL A 116 -4.02 -31.67 -8.82
N VAL A 117 -5.14 -32.26 -9.25
CA VAL A 117 -5.13 -33.60 -9.83
C VAL A 117 -5.46 -33.47 -11.32
N HIS A 118 -4.80 -34.27 -12.14
CA HIS A 118 -4.75 -34.06 -13.57
C HIS A 118 -5.48 -35.15 -14.33
N GLU A 119 -5.71 -34.84 -15.60
CA GLU A 119 -6.47 -35.70 -16.51
C GLU A 119 -5.67 -36.94 -16.89
N LYS A 120 -4.35 -36.79 -17.06
CA LYS A 120 -3.56 -37.95 -17.48
C LYS A 120 -2.37 -38.23 -16.57
N PRO A 121 -1.73 -39.37 -16.80
CA PRO A 121 -0.57 -39.73 -15.97
C PRO A 121 0.57 -38.74 -16.11
N ASP A 122 1.29 -38.56 -15.01
CA ASP A 122 2.54 -37.81 -14.98
C ASP A 122 3.66 -38.72 -15.50
N ASP A 123 4.34 -38.33 -16.59
CA ASP A 123 5.42 -39.20 -17.08
C ASP A 123 6.70 -39.07 -16.28
N LEU A 124 6.67 -38.30 -15.18
CA LEU A 124 7.77 -38.23 -14.22
C LEU A 124 9.03 -37.63 -14.81
N GLY A 125 8.88 -36.78 -15.82
CA GLY A 125 10.02 -36.10 -16.42
C GLY A 125 10.80 -36.94 -17.41
N ARG A 126 10.32 -38.12 -17.76
CA ARG A 126 11.03 -39.04 -18.65
C ARG A 126 10.36 -39.18 -20.01
N GLY A 127 9.50 -38.23 -20.40
CA GLY A 127 8.81 -38.33 -21.68
C GLY A 127 9.65 -38.01 -22.90
N GLY A 128 10.84 -37.42 -22.74
CA GLY A 128 11.74 -37.15 -23.84
C GLY A 128 11.55 -35.81 -24.52
N ASN A 129 10.58 -35.01 -24.11
CA ASN A 129 10.34 -33.73 -24.74
C ASN A 129 10.40 -32.60 -23.72
N GLU A 130 10.34 -31.36 -24.21
CA GLU A 130 10.46 -30.21 -23.32
C GLU A 130 9.33 -30.17 -22.29
N GLU A 131 8.12 -30.53 -22.71
CA GLU A 131 6.98 -30.43 -21.80
C GLU A 131 7.09 -31.44 -20.67
N SER A 132 7.73 -32.59 -20.91
CA SER A 132 7.90 -33.54 -19.83
C SER A 132 8.76 -32.96 -18.70
N THR A 133 9.75 -32.13 -19.05
CA THR A 133 10.63 -31.48 -18.07
C THR A 133 9.97 -30.32 -17.33
N LYS A 134 8.76 -29.93 -17.71
CA LYS A 134 8.03 -28.86 -17.07
C LYS A 134 6.82 -29.36 -16.29
N THR A 135 5.96 -30.12 -16.95
CA THR A 135 4.70 -30.57 -16.37
C THR A 135 4.53 -32.09 -16.35
N GLY A 136 5.47 -32.85 -16.89
CA GLY A 136 5.30 -34.28 -17.01
C GLY A 136 4.17 -34.74 -17.94
N ASN A 137 3.66 -33.82 -18.76
CA ASN A 137 2.59 -34.12 -19.74
C ASN A 137 1.34 -34.71 -19.06
N ALA A 138 1.02 -34.22 -17.86
CA ALA A 138 -0.12 -34.75 -17.12
C ALA A 138 -1.45 -34.21 -17.60
N GLY A 139 -1.46 -33.26 -18.53
CA GLY A 139 -2.69 -32.80 -19.12
C GLY A 139 -3.48 -31.84 -18.27
N SER A 140 -4.78 -31.79 -18.56
CA SER A 140 -5.65 -30.76 -18.00
C SER A 140 -5.76 -30.90 -16.49
N ARG A 141 -6.16 -29.82 -15.85
CA ARG A 141 -6.33 -29.80 -14.40
C ARG A 141 -7.81 -30.09 -14.11
N LEU A 142 -8.08 -31.25 -13.50
CA LEU A 142 -9.46 -31.68 -13.31
C LEU A 142 -10.08 -31.07 -12.07
N ALA A 143 -9.33 -31.01 -10.98
CA ALA A 143 -9.85 -30.46 -9.74
C ALA A 143 -8.68 -29.95 -8.93
N CYS A 144 -8.96 -29.03 -8.02
CA CYS A 144 -7.93 -28.41 -7.22
C CYS A 144 -8.57 -27.82 -5.97
N GLY A 145 -7.72 -27.51 -5.00
CA GLY A 145 -8.16 -26.81 -3.81
C GLY A 145 -6.98 -26.14 -3.12
N VAL A 146 -7.29 -25.12 -2.34
CA VAL A 146 -6.26 -24.44 -1.57
C VAL A 146 -6.00 -25.22 -0.29
N ILE A 147 -4.73 -25.37 0.05
CA ILE A 147 -4.33 -26.15 1.23
C ILE A 147 -4.46 -25.28 2.47
N GLY A 148 -5.27 -25.74 3.43
CA GLY A 148 -5.57 -24.92 4.60
C GLY A 148 -5.10 -25.51 5.91
N ILE A 149 -4.96 -24.67 6.94
CA ILE A 149 -4.64 -25.16 8.28
C ILE A 149 -5.81 -25.97 8.81
N ALA A 150 -5.52 -27.16 9.34
CA ALA A 150 -6.56 -28.02 9.90
C ALA A 150 -6.38 -28.14 11.42
N LYS A 151 -7.48 -28.45 12.11
CA LYS A 151 -7.44 -28.61 13.55
C LYS A 151 -6.52 -29.74 13.97
N ALA B 1 3.73 -15.12 2.86
CA ALA B 1 3.75 -14.46 1.56
C ALA B 1 3.60 -12.96 1.81
N THR B 2 3.63 -12.19 0.73
CA THR B 2 3.35 -10.76 0.85
C THR B 2 2.08 -10.35 0.13
N LYS B 3 1.49 -11.25 -0.69
CA LYS B 3 0.20 -11.03 -1.32
C LYS B 3 -0.61 -12.31 -1.17
N ALA B 4 -1.91 -12.19 -0.97
CA ALA B 4 -2.79 -13.34 -0.83
C ALA B 4 -4.12 -13.07 -1.50
N VAL B 5 -4.93 -14.11 -1.67
CA VAL B 5 -6.22 -13.97 -2.35
C VAL B 5 -7.17 -15.02 -1.77
N CYS B 6 -8.46 -14.70 -1.82
CA CYS B 6 -9.49 -15.61 -1.26
C CYS B 6 -10.75 -15.55 -2.12
N VAL B 7 -11.19 -16.71 -2.60
CA VAL B 7 -12.44 -16.79 -3.41
C VAL B 7 -13.55 -17.28 -2.50
N LEU B 8 -14.58 -16.48 -2.34
CA LEU B 8 -15.70 -16.83 -1.46
C LEU B 8 -16.79 -17.57 -2.25
N LYS B 9 -17.27 -18.67 -1.67
CA LYS B 9 -18.33 -19.47 -2.25
C LYS B 9 -19.21 -19.93 -1.11
N GLY B 10 -20.46 -20.30 -1.39
CA GLY B 10 -21.37 -20.75 -0.36
C GLY B 10 -22.50 -21.58 -0.93
N ASP B 11 -23.43 -22.00 -0.07
CA ASP B 11 -24.55 -22.79 -0.56
C ASP B 11 -25.62 -21.94 -1.22
N GLY B 12 -25.56 -20.62 -1.03
CA GLY B 12 -26.50 -19.72 -1.64
C GLY B 12 -25.85 -18.91 -2.74
N PRO B 13 -26.33 -17.69 -2.96
CA PRO B 13 -25.85 -16.88 -4.07
C PRO B 13 -24.65 -15.98 -3.79
N VAL B 14 -24.15 -15.89 -2.57
CA VAL B 14 -23.11 -14.93 -2.23
C VAL B 14 -21.76 -15.42 -2.75
N GLN B 15 -21.04 -14.56 -3.47
CA GLN B 15 -19.71 -14.93 -3.93
C GLN B 15 -18.83 -13.70 -3.82
N GLY B 16 -17.53 -13.88 -3.97
CA GLY B 16 -16.63 -12.73 -3.90
C GLY B 16 -15.18 -13.14 -4.02
N THR B 17 -14.35 -12.14 -4.27
CA THR B 17 -12.91 -12.31 -4.30
C THR B 17 -12.29 -11.25 -3.39
N ILE B 18 -11.46 -11.69 -2.44
CA ILE B 18 -10.79 -10.79 -1.52
C ILE B 18 -9.30 -10.80 -1.84
N HIS B 19 -8.69 -9.63 -1.88
CA HIS B 19 -7.25 -9.49 -2.10
C HIS B 19 -6.56 -8.96 -0.85
N PHE B 20 -5.34 -9.44 -0.60
CA PHE B 20 -4.54 -9.04 0.56
C PHE B 20 -3.15 -8.63 0.11
N GLU B 21 -2.64 -7.54 0.65
CA GLU B 21 -1.27 -7.11 0.34
C GLU B 21 -0.61 -6.58 1.61
N ALA B 22 0.58 -7.09 1.93
CA ALA B 22 1.33 -6.60 3.07
C ALA B 22 1.93 -5.23 2.77
N LYS B 23 1.73 -4.26 3.67
CA LYS B 23 2.36 -2.96 3.56
C LYS B 23 2.93 -2.64 4.93
N GLY B 24 4.26 -2.64 5.05
CA GLY B 24 4.84 -2.48 6.38
C GLY B 24 4.26 -3.54 7.32
N ASP B 25 3.81 -3.12 8.49
CA ASP B 25 3.23 -4.06 9.45
C ASP B 25 1.69 -4.11 9.39
N THR B 26 1.09 -3.76 8.25
CA THR B 26 -0.36 -3.84 8.05
C THR B 26 -0.68 -4.78 6.89
N VAL B 27 -1.96 -5.13 6.75
CA VAL B 27 -2.44 -5.83 5.57
C VAL B 27 -3.54 -4.97 4.93
N VAL B 28 -3.39 -4.71 3.63
CA VAL B 28 -4.36 -3.93 2.88
C VAL B 28 -5.34 -4.91 2.25
N VAL B 29 -6.62 -4.80 2.59
CA VAL B 29 -7.63 -5.76 2.16
C VAL B 29 -8.58 -5.07 1.18
N THR B 30 -8.69 -5.63 -0.03
CA THR B 30 -9.50 -5.10 -1.11
C THR B 30 -10.32 -6.23 -1.74
N GLY B 31 -11.25 -5.85 -2.60
CA GLY B 31 -12.02 -6.82 -3.34
C GLY B 31 -13.50 -6.49 -3.28
N SER B 32 -14.33 -7.48 -3.60
CA SER B 32 -15.76 -7.27 -3.64
C SER B 32 -16.51 -8.55 -3.31
N ILE B 33 -17.70 -8.39 -2.73
CA ILE B 33 -18.63 -9.48 -2.44
C ILE B 33 -19.97 -9.15 -3.07
N THR B 34 -20.58 -10.14 -3.73
CA THR B 34 -21.84 -9.96 -4.45
C THR B 34 -22.91 -10.88 -3.87
N GLY B 35 -24.16 -10.61 -4.25
CA GLY B 35 -25.26 -11.45 -3.80
C GLY B 35 -25.75 -11.20 -2.39
N LEU B 36 -25.31 -10.12 -1.75
CA LEU B 36 -25.69 -9.85 -0.37
C LEU B 36 -26.98 -9.05 -0.35
N THR B 37 -27.66 -9.10 0.79
CA THR B 37 -28.75 -8.19 1.07
C THR B 37 -28.19 -6.81 1.41
N GLU B 38 -28.99 -5.77 1.14
CA GLU B 38 -28.51 -4.43 1.48
C GLU B 38 -28.10 -4.35 2.93
N GLY B 39 -27.01 -3.61 3.19
CA GLY B 39 -26.60 -3.29 4.52
C GLY B 39 -25.29 -3.94 4.90
N ASP B 40 -25.06 -3.96 6.22
CA ASP B 40 -23.79 -4.42 6.76
C ASP B 40 -23.84 -5.93 6.95
N HIS B 41 -22.68 -6.56 6.79
CA HIS B 41 -22.52 -7.99 6.91
C HIS B 41 -21.21 -8.25 7.62
N GLY B 42 -21.23 -9.09 8.66
CA GLY B 42 -20.00 -9.41 9.36
C GLY B 42 -18.99 -10.10 8.46
N PHE B 43 -17.71 -9.87 8.73
CA PHE B 43 -16.59 -10.23 7.83
C PHE B 43 -15.38 -10.54 8.70
N HIS B 44 -14.97 -11.81 8.78
CA HIS B 44 -13.89 -12.19 9.70
C HIS B 44 -12.97 -13.25 9.09
N VAL B 45 -11.74 -13.26 9.57
CA VAL B 45 -10.86 -14.41 9.41
C VAL B 45 -11.24 -15.43 10.47
N HIS B 46 -11.53 -16.66 10.03
CA HIS B 46 -11.79 -17.77 10.92
C HIS B 46 -10.55 -18.67 10.98
N GLN B 47 -10.50 -19.54 11.99
CA GLN B 47 -9.25 -20.18 12.38
C GLN B 47 -8.73 -21.18 11.36
N PHE B 48 -9.60 -22.06 10.82
CA PHE B 48 -9.14 -23.19 10.04
C PHE B 48 -9.47 -23.02 8.56
N GLY B 49 -8.51 -23.40 7.71
CA GLY B 49 -8.73 -23.44 6.27
C GLY B 49 -9.30 -24.77 5.87
N ASP B 50 -10.39 -25.15 6.53
CA ASP B 50 -11.01 -26.46 6.41
C ASP B 50 -12.40 -26.28 5.82
N ASN B 51 -12.57 -26.70 4.56
CA ASN B 51 -13.81 -26.57 3.81
C ASN B 51 -14.54 -27.91 3.66
N THR B 52 -14.20 -28.90 4.50
CA THR B 52 -14.84 -30.21 4.37
C THR B 52 -16.33 -30.14 4.68
N GLN B 53 -16.73 -29.26 5.59
CA GLN B 53 -18.12 -29.11 5.99
C GLN B 53 -18.59 -27.71 5.66
N GLY B 54 -18.38 -27.28 4.41
CA GLY B 54 -18.80 -25.94 4.05
C GLY B 54 -18.07 -24.91 4.90
N CYS B 55 -18.79 -23.88 5.29
CA CYS B 55 -18.19 -22.84 6.14
C CYS B 55 -18.16 -23.23 7.62
N THR B 56 -18.90 -24.28 8.01
CA THR B 56 -18.95 -24.67 9.42
C THR B 56 -17.58 -25.13 9.93
N SER B 57 -16.84 -25.89 9.10
CA SER B 57 -15.56 -26.46 9.51
C SER B 57 -14.45 -25.42 9.58
N ALA B 58 -14.72 -24.15 9.25
CA ALA B 58 -13.73 -23.10 9.42
C ALA B 58 -13.45 -22.79 10.90
N GLY B 59 -14.28 -23.26 11.81
CA GLY B 59 -14.07 -23.00 13.21
C GLY B 59 -14.41 -21.58 13.60
N PRO B 60 -13.92 -21.12 14.77
CA PRO B 60 -14.31 -19.82 15.31
C PRO B 60 -13.52 -18.69 14.67
N HIS B 61 -13.80 -17.46 15.11
CA HIS B 61 -12.96 -16.35 14.65
C HIS B 61 -11.51 -16.61 15.04
N PHE B 62 -10.59 -16.31 14.12
CA PHE B 62 -9.17 -16.49 14.39
C PHE B 62 -8.78 -15.67 15.61
N ASN B 63 -8.33 -16.36 16.67
CA ASN B 63 -8.18 -15.69 17.96
C ASN B 63 -6.98 -16.22 18.73
N PRO B 64 -5.76 -16.09 18.19
CA PRO B 64 -4.59 -16.66 18.88
C PRO B 64 -4.26 -15.98 20.19
N LEU B 65 -4.70 -14.74 20.41
CA LEU B 65 -4.43 -14.05 21.66
C LEU B 65 -5.53 -14.27 22.70
N SER B 66 -6.55 -15.05 22.36
CA SER B 66 -7.60 -15.44 23.30
C SER B 66 -8.29 -14.23 23.91
N LYS B 67 -8.68 -13.29 23.05
CA LYS B 67 -9.39 -12.11 23.50
C LYS B 67 -10.87 -12.24 23.18
N LYS B 68 -11.63 -11.25 23.63
CA LYS B 68 -13.05 -11.19 23.30
C LYS B 68 -13.24 -10.53 21.95
N HIS B 69 -14.41 -10.79 21.35
CA HIS B 69 -14.74 -10.23 20.05
C HIS B 69 -14.91 -8.72 20.10
N GLY B 70 -14.48 -8.04 19.04
CA GLY B 70 -14.70 -6.62 18.95
C GLY B 70 -14.77 -6.13 17.52
N GLY B 71 -14.75 -4.81 17.32
CA GLY B 71 -14.61 -4.23 16.01
C GLY B 71 -13.14 -4.02 15.68
N PRO B 72 -12.84 -3.79 14.39
CA PRO B 72 -11.43 -3.67 13.98
C PRO B 72 -10.70 -2.52 14.65
N LYS B 73 -11.38 -1.44 15.03
CA LYS B 73 -10.71 -0.32 15.68
C LYS B 73 -10.49 -0.54 17.17
N ASP B 74 -11.12 -1.55 17.77
CA ASP B 74 -11.03 -1.77 19.20
C ASP B 74 -9.70 -2.42 19.60
N GLU B 75 -9.22 -2.07 20.80
CA GLU B 75 -8.07 -2.78 21.35
C GLU B 75 -8.41 -4.21 21.72
N GLU B 76 -9.58 -4.43 22.31
CA GLU B 76 -10.02 -5.78 22.66
C GLU B 76 -10.76 -6.37 21.46
N ARG B 77 -10.09 -7.25 20.72
CA ARG B 77 -10.69 -7.85 19.52
C ARG B 77 -9.98 -9.15 19.20
N HIS B 78 -10.64 -9.99 18.41
CA HIS B 78 -9.97 -11.11 17.80
C HIS B 78 -9.08 -10.62 16.67
N VAL B 79 -7.98 -11.36 16.42
CA VAL B 79 -7.15 -11.06 15.26
C VAL B 79 -8.00 -11.04 14.01
N GLY B 80 -8.96 -11.95 13.91
CA GLY B 80 -9.76 -12.03 12.70
C GLY B 80 -10.90 -11.03 12.56
N ASP B 81 -11.11 -10.14 13.52
CA ASP B 81 -12.26 -9.23 13.48
C ASP B 81 -12.03 -8.08 12.51
N LEU B 82 -12.57 -8.19 11.29
CA LEU B 82 -12.48 -7.13 10.31
C LEU B 82 -13.78 -6.35 10.16
N GLY B 83 -14.72 -6.55 11.07
CA GLY B 83 -15.88 -5.65 11.13
C GLY B 83 -16.96 -5.99 10.13
N ASN B 84 -17.48 -4.96 9.48
CA ASN B 84 -18.60 -5.09 8.56
C ASN B 84 -18.21 -4.62 7.18
N VAL B 85 -18.67 -5.35 6.19
CA VAL B 85 -18.70 -4.86 4.83
C VAL B 85 -20.12 -4.38 4.57
N THR B 86 -20.27 -3.45 3.64
CA THR B 86 -21.54 -2.80 3.39
C THR B 86 -21.92 -3.02 1.94
N ALA B 87 -23.03 -3.69 1.73
CA ALA B 87 -23.55 -3.91 0.38
C ALA B 87 -24.53 -2.81 0.03
N ASP B 88 -24.48 -2.37 -1.22
CA ASP B 88 -25.42 -1.37 -1.71
C ASP B 88 -26.72 -2.08 -2.15
N LYS B 89 -27.61 -1.33 -2.81
CA LYS B 89 -28.90 -1.84 -3.25
C LYS B 89 -28.79 -3.01 -4.23
N ASN B 90 -27.75 -3.04 -5.07
CA ASN B 90 -27.66 -4.14 -6.01
C ASN B 90 -26.94 -5.34 -5.40
N GLY B 91 -26.74 -5.31 -4.08
CA GLY B 91 -26.18 -6.45 -3.38
C GLY B 91 -24.68 -6.59 -3.42
N VAL B 92 -23.98 -5.53 -3.81
CA VAL B 92 -22.52 -5.55 -3.98
C VAL B 92 -21.86 -4.79 -2.85
N ALA B 93 -20.89 -5.42 -2.19
CA ALA B 93 -20.07 -4.79 -1.16
C ALA B 93 -18.64 -4.61 -1.69
N ILE B 94 -18.14 -3.38 -1.67
CA ILE B 94 -16.75 -3.09 -2.02
C ILE B 94 -15.93 -3.15 -0.74
N VAL B 95 -14.90 -3.99 -0.73
CA VAL B 95 -14.08 -4.21 0.45
C VAL B 95 -12.89 -3.27 0.42
N ASP B 96 -12.72 -2.51 1.49
CA ASP B 96 -11.62 -1.55 1.59
C ASP B 96 -11.26 -1.44 3.06
N ILE B 97 -10.32 -2.28 3.50
CA ILE B 97 -9.92 -2.38 4.90
C ILE B 97 -8.40 -2.45 4.95
N VAL B 98 -7.80 -1.69 5.87
CA VAL B 98 -6.37 -1.81 6.19
C VAL B 98 -6.26 -2.22 7.67
N ASP B 99 -5.60 -3.35 7.93
CA ASP B 99 -5.61 -3.85 9.29
C ASP B 99 -4.21 -4.06 9.84
N PRO B 100 -3.97 -3.65 11.09
CA PRO B 100 -2.64 -3.81 11.70
C PRO B 100 -2.42 -5.11 12.45
N LEU B 101 -3.47 -5.89 12.67
CA LEU B 101 -3.37 -7.11 13.49
C LEU B 101 -3.22 -8.38 12.65
N ILE B 102 -4.00 -8.54 11.59
CA ILE B 102 -3.76 -9.68 10.71
C ILE B 102 -2.41 -9.53 10.03
N SER B 103 -1.85 -10.65 9.57
CA SER B 103 -0.56 -10.66 8.93
C SER B 103 -0.59 -11.70 7.83
N LEU B 104 0.33 -11.59 6.88
CA LEU B 104 0.48 -12.62 5.85
C LEU B 104 1.69 -13.52 6.08
N SER B 105 2.40 -13.36 7.20
CA SER B 105 3.53 -14.21 7.53
C SER B 105 3.71 -14.20 9.03
N GLY B 106 4.48 -15.16 9.53
CA GLY B 106 4.78 -15.18 10.95
C GLY B 106 3.63 -15.65 11.82
N GLU B 107 3.66 -15.23 13.09
CA GLU B 107 2.78 -15.79 14.09
C GLU B 107 1.32 -15.47 13.81
N TYR B 108 1.02 -14.27 13.32
CA TYR B 108 -0.36 -13.89 13.08
C TYR B 108 -0.79 -14.15 11.63
N SER B 109 -0.07 -15.01 10.92
CA SER B 109 -0.38 -15.27 9.52
C SER B 109 -1.78 -15.83 9.33
N ILE B 110 -2.51 -15.26 8.35
CA ILE B 110 -3.81 -15.78 7.98
C ILE B 110 -3.75 -16.64 6.72
N ILE B 111 -2.55 -16.86 6.17
CA ILE B 111 -2.42 -17.78 5.03
C ILE B 111 -2.91 -19.15 5.46
N GLY B 112 -3.76 -19.77 4.63
CA GLY B 112 -4.30 -21.06 4.98
C GLY B 112 -5.45 -21.05 5.96
N ARG B 113 -5.94 -19.88 6.37
CA ARG B 113 -7.12 -19.77 7.20
C ARG B 113 -8.29 -19.42 6.27
N THR B 114 -9.42 -19.00 6.83
CA THR B 114 -10.64 -18.86 6.04
C THR B 114 -11.25 -17.48 6.23
N MET B 115 -11.63 -16.82 5.13
CA MET B 115 -12.48 -15.64 5.19
C MET B 115 -13.95 -16.06 5.14
N VAL B 116 -14.77 -15.45 5.99
CA VAL B 116 -16.21 -15.71 6.06
C VAL B 116 -16.98 -14.40 6.04
N VAL B 117 -18.04 -14.33 5.23
CA VAL B 117 -18.98 -13.20 5.26
C VAL B 117 -20.30 -13.72 5.80
N HIS B 118 -20.99 -12.90 6.58
CA HIS B 118 -22.08 -13.35 7.43
C HIS B 118 -23.44 -12.82 6.98
N GLU B 119 -24.47 -13.41 7.58
CA GLU B 119 -25.85 -13.11 7.25
C GLU B 119 -26.28 -11.73 7.74
N LYS B 120 -25.84 -11.33 8.94
CA LYS B 120 -26.27 -10.13 9.65
C LYS B 120 -25.11 -9.20 9.93
N PRO B 121 -25.37 -7.97 10.39
CA PRO B 121 -24.27 -7.10 10.81
C PRO B 121 -23.55 -7.63 12.04
N ASP B 122 -22.26 -7.31 12.11
CA ASP B 122 -21.46 -7.53 13.30
C ASP B 122 -21.69 -6.36 14.26
N ASP B 123 -22.14 -6.64 15.49
CA ASP B 123 -22.35 -5.56 16.45
C ASP B 123 -21.07 -5.10 17.14
N LEU B 124 -19.92 -5.64 16.73
CA LEU B 124 -18.60 -5.18 17.16
C LEU B 124 -18.36 -5.34 18.66
N GLY B 125 -19.04 -6.33 19.25
CA GLY B 125 -18.89 -6.63 20.66
C GLY B 125 -19.67 -5.72 21.57
N ARG B 126 -20.57 -4.90 21.02
CA ARG B 126 -21.33 -3.94 21.80
C ARG B 126 -22.81 -4.29 21.87
N GLY B 127 -23.15 -5.56 21.70
CA GLY B 127 -24.55 -5.98 21.74
C GLY B 127 -25.09 -6.19 23.14
N GLY B 128 -24.23 -6.45 24.12
CA GLY B 128 -24.65 -6.64 25.49
C GLY B 128 -24.85 -8.08 25.91
N ASN B 129 -24.91 -9.03 24.98
CA ASN B 129 -25.22 -10.41 25.31
C ASN B 129 -23.98 -11.30 25.17
N GLU B 130 -24.16 -12.56 25.55
CA GLU B 130 -23.05 -13.52 25.52
C GLU B 130 -22.50 -13.70 24.12
N GLU B 131 -23.37 -13.81 23.12
CA GLU B 131 -22.91 -14.05 21.76
C GLU B 131 -22.19 -12.83 21.18
N SER B 132 -22.44 -11.63 21.71
CA SER B 132 -21.78 -10.44 21.18
C SER B 132 -20.27 -10.48 21.45
N THR B 133 -19.86 -10.99 22.60
CA THR B 133 -18.44 -11.09 22.95
C THR B 133 -17.75 -12.27 22.26
N LYS B 134 -18.49 -13.09 21.53
CA LYS B 134 -17.91 -14.21 20.79
C LYS B 134 -17.96 -14.03 19.29
N THR B 135 -19.12 -13.68 18.75
CA THR B 135 -19.29 -13.60 17.31
C THR B 135 -19.83 -12.27 16.81
N GLY B 136 -20.17 -11.34 17.71
CA GLY B 136 -20.83 -10.11 17.31
C GLY B 136 -22.24 -10.28 16.77
N ASN B 137 -22.85 -11.45 17.00
CA ASN B 137 -24.23 -11.72 16.57
C ASN B 137 -24.40 -11.57 15.06
N ALA B 138 -23.37 -11.93 14.29
CA ALA B 138 -23.42 -11.74 12.85
C ALA B 138 -24.23 -12.82 12.14
N GLY B 139 -24.68 -13.84 12.85
CA GLY B 139 -25.56 -14.80 12.23
C GLY B 139 -24.83 -15.82 11.36
N SER B 140 -25.60 -16.36 10.42
CA SER B 140 -25.18 -17.48 9.60
C SER B 140 -24.01 -17.11 8.70
N ARG B 141 -23.27 -18.13 8.26
CA ARG B 141 -22.12 -17.94 7.37
C ARG B 141 -22.57 -18.15 5.93
N LEU B 142 -22.61 -17.07 5.16
CA LEU B 142 -23.15 -17.15 3.80
C LEU B 142 -22.12 -17.69 2.82
N ALA B 143 -20.87 -17.29 2.95
CA ALA B 143 -19.86 -17.70 1.99
C ALA B 143 -18.49 -17.66 2.66
N CYS B 144 -17.55 -18.45 2.12
N CYS B 144 -17.56 -18.42 2.09
CA CYS B 144 -16.23 -18.56 2.70
CA CYS B 144 -16.22 -18.50 2.69
C CYS B 144 -15.25 -19.10 1.67
C CYS B 144 -15.24 -19.15 1.72
N GLY B 145 -13.96 -18.92 1.97
CA GLY B 145 -12.90 -19.51 1.16
C GLY B 145 -11.61 -19.56 1.95
N VAL B 146 -10.72 -20.43 1.51
CA VAL B 146 -9.40 -20.56 2.10
C VAL B 146 -8.50 -19.46 1.52
N ILE B 147 -7.72 -18.83 2.38
CA ILE B 147 -6.84 -17.74 1.99
C ILE B 147 -5.55 -18.33 1.40
N GLY B 148 -5.25 -17.98 0.15
CA GLY B 148 -4.14 -18.59 -0.58
C GLY B 148 -3.04 -17.62 -0.96
N ILE B 149 -1.83 -18.15 -1.16
CA ILE B 149 -0.70 -17.30 -1.57
C ILE B 149 -0.92 -16.84 -3.00
N ALA B 150 -0.74 -15.55 -3.24
CA ALA B 150 -0.95 -15.01 -4.57
C ALA B 150 0.38 -14.56 -5.16
N LYS B 151 0.40 -14.44 -6.49
CA LYS B 151 1.60 -14.01 -7.21
C LYS B 151 1.99 -12.55 -6.94
N ALA C 1 -7.93 25.88 5.06
CA ALA C 1 -6.90 26.74 5.64
C ALA C 1 -7.12 28.18 5.22
N THR C 2 -6.75 29.10 6.10
CA THR C 2 -6.88 30.51 5.75
C THR C 2 -5.55 31.25 5.71
N LYS C 3 -4.46 30.66 6.19
CA LYS C 3 -3.16 31.31 6.08
C LYS C 3 -2.09 30.30 5.66
N ALA C 4 -1.18 30.75 4.82
CA ALA C 4 -0.09 29.94 4.31
C ALA C 4 1.13 30.81 4.14
N VAL C 5 2.28 30.15 3.94
CA VAL C 5 3.56 30.82 3.78
C VAL C 5 4.44 29.94 2.91
N CYS C 6 5.39 30.57 2.20
CA CYS C 6 6.28 29.86 1.31
C CYS C 6 7.64 30.56 1.34
N VAL C 7 8.72 29.81 1.55
CA VAL C 7 10.07 30.37 1.50
C VAL C 7 10.71 29.94 0.21
N LEU C 8 11.07 30.90 -0.63
CA LEU C 8 11.67 30.63 -1.92
C LEU C 8 13.18 30.56 -1.77
N LYS C 9 13.77 29.52 -2.34
CA LYS C 9 15.21 29.40 -2.37
C LYS C 9 15.61 28.67 -3.65
N GLY C 10 16.83 28.90 -4.10
CA GLY C 10 17.29 28.30 -5.34
C GLY C 10 18.78 28.13 -5.35
N ASP C 11 19.36 27.83 -6.51
CA ASP C 11 20.80 27.59 -6.58
C ASP C 11 21.61 28.88 -6.53
N GLY C 12 21.00 30.04 -6.72
CA GLY C 12 21.71 31.30 -6.67
C GLY C 12 21.28 32.14 -5.48
N PRO C 13 21.35 33.46 -5.64
CA PRO C 13 21.02 34.37 -4.54
C PRO C 13 19.55 34.70 -4.38
N VAL C 14 18.67 34.21 -5.26
CA VAL C 14 17.27 34.63 -5.21
C VAL C 14 16.58 33.99 -4.02
N GLN C 15 15.93 34.81 -3.20
CA GLN C 15 15.20 34.30 -2.04
C GLN C 15 13.99 35.19 -1.78
N GLY C 16 13.08 34.71 -0.94
CA GLY C 16 11.94 35.50 -0.55
C GLY C 16 11.01 34.70 0.32
N THR C 17 10.14 35.44 1.01
CA THR C 17 9.09 34.86 1.83
C THR C 17 7.77 35.42 1.34
N ILE C 18 6.85 34.52 1.00
CA ILE C 18 5.55 34.85 0.44
C ILE C 18 4.50 34.42 1.45
N HIS C 19 3.50 35.28 1.68
CA HIS C 19 2.38 35.00 2.56
C HIS C 19 1.07 34.91 1.78
N PHE C 20 0.18 34.05 2.25
CA PHE C 20 -1.11 33.85 1.61
C PHE C 20 -2.23 33.96 2.63
N GLU C 21 -3.27 34.69 2.25
CA GLU C 21 -4.41 34.92 3.12
C GLU C 21 -5.71 34.89 2.34
N ALA C 22 -6.69 34.13 2.82
CA ALA C 22 -8.01 34.13 2.19
C ALA C 22 -8.78 35.39 2.57
N LYS C 23 -9.31 36.08 1.56
CA LYS C 23 -10.15 37.26 1.73
C LYS C 23 -11.34 37.13 0.77
N GLY C 24 -12.55 36.99 1.31
CA GLY C 24 -13.70 36.71 0.45
C GLY C 24 -13.46 35.45 -0.35
N ASP C 25 -13.72 35.51 -1.65
CA ASP C 25 -13.45 34.37 -2.52
C ASP C 25 -12.08 34.46 -3.19
N THR C 26 -11.17 35.23 -2.63
CA THR C 26 -9.83 35.39 -3.19
C THR C 26 -8.76 34.87 -2.23
N VAL C 27 -7.54 34.78 -2.78
CA VAL C 27 -6.33 34.57 -2.00
C VAL C 27 -5.47 35.81 -2.22
N VAL C 28 -5.07 36.44 -1.13
CA VAL C 28 -4.21 37.60 -1.18
C VAL C 28 -2.78 37.13 -0.96
N VAL C 29 -1.91 37.39 -1.93
CA VAL C 29 -0.54 36.90 -1.95
C VAL C 29 0.37 38.09 -1.73
N THR C 30 1.14 38.06 -0.66
CA THR C 30 1.96 39.23 -0.35
C THR C 30 3.38 38.80 -0.02
N GLY C 31 4.26 39.78 0.06
CA GLY C 31 5.62 39.46 0.45
C GLY C 31 6.60 40.18 -0.41
N SER C 32 7.82 39.68 -0.40
CA SER C 32 8.90 40.32 -1.13
C SER C 32 9.85 39.24 -1.60
N ILE C 33 10.48 39.47 -2.76
CA ILE C 33 11.53 38.62 -3.27
C ILE C 33 12.76 39.49 -3.54
N THR C 34 13.93 39.02 -3.10
CA THR C 34 15.17 39.77 -3.21
C THR C 34 16.15 39.00 -4.06
N GLY C 35 17.20 39.71 -4.51
CA GLY C 35 18.24 39.15 -5.36
C GLY C 35 17.90 39.06 -6.84
N LEU C 36 16.82 39.68 -7.28
CA LEU C 36 16.40 39.53 -8.67
C LEU C 36 17.07 40.54 -9.57
N THR C 37 16.98 40.28 -10.87
CA THR C 37 17.30 41.30 -11.87
C THR C 37 16.18 42.31 -11.95
N GLU C 38 16.54 43.55 -12.31
CA GLU C 38 15.53 44.58 -12.50
C GLU C 38 14.58 44.17 -13.61
N GLY C 39 13.29 44.46 -13.44
CA GLY C 39 12.29 44.15 -14.44
C GLY C 39 11.35 43.03 -13.99
N ASP C 40 10.62 42.50 -14.97
CA ASP C 40 9.56 41.54 -14.72
C ASP C 40 10.07 40.10 -14.70
N HIS C 41 9.42 39.27 -13.88
CA HIS C 41 9.76 37.87 -13.71
C HIS C 41 8.48 37.05 -13.56
N GLY C 42 8.38 35.95 -14.31
CA GLY C 42 7.21 35.10 -14.18
C GLY C 42 7.11 34.53 -12.79
N PHE C 43 5.88 34.27 -12.35
CA PHE C 43 5.57 33.91 -10.97
C PHE C 43 4.34 33.02 -11.01
N HIS C 44 4.49 31.71 -10.75
CA HIS C 44 3.40 30.76 -10.91
C HIS C 44 3.39 29.73 -9.78
N VAL C 45 2.20 29.22 -9.49
CA VAL C 45 2.08 27.98 -8.72
C VAL C 45 2.31 26.82 -9.67
N HIS C 46 3.26 25.96 -9.32
CA HIS C 46 3.45 24.72 -10.07
C HIS C 46 2.80 23.56 -9.32
N GLN C 47 2.62 22.45 -10.02
CA GLN C 47 1.71 21.41 -9.56
C GLN C 47 2.21 20.70 -8.29
N PHE C 48 3.50 20.36 -8.22
CA PHE C 48 3.99 19.45 -7.18
C PHE C 48 4.86 20.18 -6.16
N GLY C 49 4.64 19.85 -4.88
CA GLY C 49 5.49 20.33 -3.81
C GLY C 49 6.66 19.38 -3.62
N ASP C 50 7.35 19.10 -4.72
CA ASP C 50 8.39 18.07 -4.81
C ASP C 50 9.71 18.77 -5.12
N ASN C 51 10.61 18.80 -4.14
CA ASN C 51 11.92 19.45 -4.22
C ASN C 51 13.06 18.44 -4.38
N THR C 52 12.76 17.21 -4.82
CA THR C 52 13.80 16.19 -4.96
C THR C 52 14.83 16.58 -6.02
N GLN C 53 14.42 17.29 -7.09
CA GLN C 53 15.36 17.80 -8.09
C GLN C 53 15.32 19.33 -8.19
N GLY C 54 15.54 20.04 -7.10
CA GLY C 54 15.47 21.49 -7.17
C GLY C 54 14.07 21.93 -7.57
N CYS C 55 14.00 22.98 -8.37
N CYS C 55 14.00 22.96 -8.41
CA CYS C 55 12.72 23.47 -8.87
CA CYS C 55 12.70 23.49 -8.89
C CYS C 55 12.18 22.66 -10.05
C CYS C 55 12.15 22.63 -10.04
N THR C 56 12.99 21.79 -10.67
CA THR C 56 12.51 21.01 -11.82
C THR C 56 11.40 20.04 -11.44
N SER C 57 11.52 19.41 -10.28
CA SER C 57 10.53 18.40 -9.91
C SER C 57 9.19 19.01 -9.49
N ALA C 58 9.07 20.34 -9.45
CA ALA C 58 7.78 20.95 -9.17
C ALA C 58 6.79 20.74 -10.30
N GLY C 59 7.26 20.28 -11.46
CA GLY C 59 6.37 20.02 -12.56
C GLY C 59 5.89 21.28 -13.24
N PRO C 60 4.80 21.17 -14.00
CA PRO C 60 4.32 22.31 -14.79
C PRO C 60 3.48 23.25 -13.93
N HIS C 61 3.00 24.33 -14.56
CA HIS C 61 2.06 25.22 -13.90
C HIS C 61 0.84 24.41 -13.48
N PHE C 62 0.36 24.68 -12.26
CA PHE C 62 -0.85 24.02 -11.75
C PHE C 62 -2.01 24.34 -12.69
N ASN C 63 -2.58 23.28 -13.32
CA ASN C 63 -3.51 23.49 -14.43
C ASN C 63 -4.60 22.42 -14.44
N PRO C 64 -5.45 22.36 -13.41
CA PRO C 64 -6.45 21.29 -13.37
C PRO C 64 -7.50 21.36 -14.45
N LEU C 65 -7.73 22.53 -15.05
CA LEU C 65 -8.72 22.64 -16.11
C LEU C 65 -8.14 22.39 -17.50
N SER C 66 -6.83 22.12 -17.59
CA SER C 66 -6.20 21.76 -18.86
C SER C 66 -6.44 22.86 -19.88
N LYS C 67 -6.21 24.09 -19.46
CA LYS C 67 -6.32 25.27 -20.32
C LYS C 67 -4.93 25.69 -20.78
N LYS C 68 -4.90 26.69 -21.63
CA LYS C 68 -3.64 27.27 -22.09
C LYS C 68 -3.11 28.31 -21.10
N HIS C 69 -1.82 28.55 -21.17
CA HIS C 69 -1.22 29.54 -20.28
C HIS C 69 -1.76 30.93 -20.56
N GLY C 70 -1.95 31.70 -19.49
CA GLY C 70 -2.36 33.09 -19.66
C GLY C 70 -1.87 33.95 -18.53
N GLY C 71 -2.36 35.19 -18.47
CA GLY C 71 -2.16 36.05 -17.33
C GLY C 71 -3.29 35.89 -16.33
N PRO C 72 -3.11 36.42 -15.11
CA PRO C 72 -4.15 36.25 -14.09
C PRO C 72 -5.49 36.89 -14.43
N LYS C 73 -5.52 37.90 -15.29
CA LYS C 73 -6.79 38.54 -15.64
C LYS C 73 -7.58 37.74 -16.68
N ASP C 74 -6.96 36.76 -17.32
CA ASP C 74 -7.60 36.04 -18.41
C ASP C 74 -8.56 34.96 -17.93
N GLU C 75 -9.58 34.75 -18.76
CA GLU C 75 -10.49 33.61 -18.64
C GLU C 75 -9.71 32.33 -18.94
N GLU C 76 -8.90 32.38 -19.98
CA GLU C 76 -8.04 31.28 -20.40
C GLU C 76 -6.68 31.45 -19.72
N ARG C 77 -6.46 30.69 -18.67
CA ARG C 77 -5.23 30.73 -17.89
C ARG C 77 -5.13 29.41 -17.17
N HIS C 78 -3.93 29.10 -16.71
CA HIS C 78 -3.74 28.04 -15.71
C HIS C 78 -4.19 28.56 -14.34
N VAL C 79 -4.66 27.64 -13.47
CA VAL C 79 -4.97 28.09 -12.11
C VAL C 79 -3.74 28.76 -11.48
N GLY C 80 -2.56 28.20 -11.73
CA GLY C 80 -1.36 28.72 -11.12
C GLY C 80 -0.77 29.99 -11.71
N ASP C 81 -1.38 30.58 -12.74
CA ASP C 81 -0.79 31.69 -13.48
C ASP C 81 -0.98 33.00 -12.72
N LEU C 82 0.04 33.46 -12.00
CA LEU C 82 -0.05 34.72 -11.28
C LEU C 82 0.71 35.86 -11.98
N GLY C 83 1.14 35.64 -13.22
CA GLY C 83 1.66 36.75 -14.02
C GLY C 83 3.10 37.08 -13.70
N ASN C 84 3.38 38.38 -13.57
CA ASN C 84 4.74 38.87 -13.34
C ASN C 84 4.84 39.62 -12.02
N VAL C 85 5.96 39.43 -11.34
CA VAL C 85 6.37 40.33 -10.28
C VAL C 85 7.47 41.21 -10.87
N THR C 86 7.62 42.40 -10.29
CA THR C 86 8.51 43.42 -10.82
C THR C 86 9.55 43.81 -9.79
N ALA C 87 10.82 43.57 -10.10
CA ALA C 87 11.92 43.92 -9.23
C ALA C 87 12.42 45.31 -9.59
N ASP C 88 12.80 46.08 -8.56
CA ASP C 88 13.31 47.43 -8.77
C ASP C 88 14.78 47.36 -9.13
N LYS C 89 15.46 48.52 -9.15
CA LYS C 89 16.88 48.55 -9.51
C LYS C 89 17.72 47.68 -8.60
N ASN C 90 17.31 47.52 -7.34
CA ASN C 90 18.04 46.73 -6.37
C ASN C 90 17.64 45.27 -6.38
N GLY C 91 16.80 44.85 -7.33
CA GLY C 91 16.43 43.45 -7.38
C GLY C 91 15.36 43.04 -6.39
N VAL C 92 14.61 43.99 -5.85
CA VAL C 92 13.58 43.70 -4.85
C VAL C 92 12.23 43.79 -5.54
N ALA C 93 11.43 42.72 -5.43
CA ALA C 93 10.07 42.70 -5.96
C ALA C 93 9.08 42.65 -4.81
N ILE C 94 8.17 43.61 -4.77
CA ILE C 94 7.12 43.61 -3.77
C ILE C 94 5.95 42.81 -4.33
N VAL C 95 5.59 41.74 -3.65
CA VAL C 95 4.54 40.84 -4.12
C VAL C 95 3.23 41.33 -3.51
N ASP C 96 2.26 41.63 -4.38
CA ASP C 96 0.95 42.09 -3.93
C ASP C 96 -0.05 41.64 -5.01
N ILE C 97 -0.58 40.44 -4.83
CA ILE C 97 -1.44 39.82 -5.83
C ILE C 97 -2.72 39.36 -5.15
N VAL C 98 -3.85 39.73 -5.72
CA VAL C 98 -5.14 39.27 -5.26
C VAL C 98 -5.73 38.44 -6.38
N ASP C 99 -5.92 37.15 -6.12
CA ASP C 99 -6.33 36.24 -7.16
C ASP C 99 -7.59 35.49 -6.79
N PRO C 100 -8.58 35.44 -7.69
CA PRO C 100 -9.82 34.71 -7.40
C PRO C 100 -9.81 33.24 -7.78
N LEU C 101 -8.77 32.74 -8.45
CA LEU C 101 -8.81 31.37 -8.94
C LEU C 101 -8.07 30.39 -8.04
N ILE C 102 -6.84 30.72 -7.62
CA ILE C 102 -6.17 29.88 -6.62
C ILE C 102 -6.97 29.91 -5.32
N SER C 103 -6.72 28.91 -4.48
CA SER C 103 -7.45 28.78 -3.23
C SER C 103 -6.51 28.16 -2.20
N LEU C 104 -6.86 28.32 -0.93
CA LEU C 104 -6.13 27.63 0.12
C LEU C 104 -6.88 26.40 0.62
N SER C 105 -7.98 26.03 -0.04
CA SER C 105 -8.73 24.84 0.35
C SER C 105 -9.53 24.33 -0.85
N GLY C 106 -9.95 23.07 -0.75
CA GLY C 106 -10.77 22.52 -1.81
C GLY C 106 -9.93 22.18 -3.02
N GLU C 107 -10.60 22.10 -4.18
CA GLU C 107 -9.98 21.52 -5.36
C GLU C 107 -8.76 22.31 -5.83
N TYR C 108 -8.82 23.63 -5.77
CA TYR C 108 -7.74 24.47 -6.25
C TYR C 108 -6.77 24.89 -5.15
N SER C 109 -6.77 24.18 -4.04
CA SER C 109 -5.87 24.49 -2.95
C SER C 109 -4.44 24.43 -3.47
N ILE C 110 -3.66 25.45 -3.14
CA ILE C 110 -2.24 25.43 -3.48
C ILE C 110 -1.37 25.02 -2.29
N ILE C 111 -1.99 24.67 -1.15
CA ILE C 111 -1.23 24.14 -0.01
C ILE C 111 -0.55 22.84 -0.44
N GLY C 112 0.76 22.74 -0.19
CA GLY C 112 1.56 21.61 -0.62
C GLY C 112 2.02 21.65 -2.07
N ARG C 113 1.76 22.73 -2.78
CA ARG C 113 2.29 22.88 -4.13
C ARG C 113 3.49 23.82 -4.07
N THR C 114 3.99 24.26 -5.21
CA THR C 114 5.23 25.02 -5.25
C THR C 114 5.05 26.39 -5.92
N MET C 115 5.66 27.41 -5.31
CA MET C 115 5.70 28.75 -5.87
C MET C 115 7.08 28.85 -6.53
N VAL C 116 7.11 29.31 -7.79
CA VAL C 116 8.34 29.42 -8.58
C VAL C 116 8.42 30.84 -9.11
N VAL C 117 9.59 31.46 -8.98
CA VAL C 117 9.88 32.74 -9.62
C VAL C 117 10.91 32.49 -10.71
N HIS C 118 10.75 33.19 -11.83
CA HIS C 118 11.44 32.83 -13.07
C HIS C 118 12.47 33.90 -13.47
N GLU C 119 13.31 33.50 -14.42
CA GLU C 119 14.41 34.32 -14.93
C GLU C 119 13.91 35.43 -15.85
N LYS C 120 12.89 35.14 -16.66
CA LYS C 120 12.45 36.07 -17.70
C LYS C 120 11.03 36.53 -17.43
N PRO C 121 10.56 37.57 -18.13
CA PRO C 121 9.13 37.93 -18.01
C PRO C 121 8.22 36.87 -18.60
N ASP C 122 7.05 36.75 -17.99
CA ASP C 122 5.96 35.95 -18.52
C ASP C 122 5.25 36.76 -19.59
N ASP C 123 5.20 36.27 -20.83
CA ASP C 123 4.50 37.00 -21.89
C ASP C 123 2.99 36.82 -21.85
N LEU C 124 2.48 36.15 -20.80
CA LEU C 124 1.05 36.02 -20.53
C LEU C 124 0.31 35.28 -21.64
N GLY C 125 1.04 34.41 -22.35
CA GLY C 125 0.44 33.60 -23.38
C GLY C 125 0.20 34.30 -24.69
N ARG C 126 0.76 35.51 -24.85
CA ARG C 126 0.51 36.35 -26.01
C ARG C 126 1.76 36.48 -26.89
N GLY C 127 2.72 35.57 -26.75
CA GLY C 127 3.95 35.61 -27.51
C GLY C 127 3.83 35.13 -28.93
N GLY C 128 2.73 34.44 -29.26
CA GLY C 128 2.48 33.98 -30.61
C GLY C 128 3.13 32.67 -30.99
N ASN C 129 3.86 32.03 -30.08
CA ASN C 129 4.66 30.86 -30.42
C ASN C 129 4.28 29.67 -29.54
N GLU C 130 5.00 28.58 -29.77
CA GLU C 130 4.75 27.31 -29.09
C GLU C 130 4.77 27.50 -27.57
N GLU C 131 5.90 27.98 -27.06
CA GLU C 131 6.16 27.99 -25.64
C GLU C 131 5.29 28.99 -24.90
N SER C 132 4.76 30.00 -25.58
CA SER C 132 4.05 31.06 -24.87
C SER C 132 2.75 30.54 -24.24
N THR C 133 2.04 29.66 -24.95
CA THR C 133 0.79 29.08 -24.47
C THR C 133 1.01 27.99 -23.43
N LYS C 134 2.25 27.68 -23.12
CA LYS C 134 2.60 26.64 -22.17
C LYS C 134 3.22 27.21 -20.91
N THR C 135 4.27 28.03 -21.07
CA THR C 135 5.01 28.59 -19.95
C THR C 135 5.10 30.10 -19.97
N GLY C 136 4.60 30.77 -21.01
CA GLY C 136 4.80 32.20 -21.13
C GLY C 136 6.22 32.62 -21.39
N ASN C 137 7.09 31.69 -21.76
CA ASN C 137 8.50 31.96 -22.06
C ASN C 137 9.23 32.59 -20.89
N ALA C 138 8.84 32.25 -19.65
CA ALA C 138 9.46 32.87 -18.49
C ALA C 138 10.84 32.32 -18.18
N GLY C 139 11.28 31.29 -18.90
CA GLY C 139 12.64 30.80 -18.77
C GLY C 139 12.86 29.92 -17.57
N SER C 140 14.12 29.85 -17.13
CA SER C 140 14.50 28.91 -16.08
C SER C 140 13.92 29.34 -14.74
N ARG C 141 13.88 28.38 -13.81
CA ARG C 141 13.32 28.58 -12.49
C ARG C 141 14.43 29.02 -11.54
N LEU C 142 14.32 30.25 -11.03
CA LEU C 142 15.40 30.80 -10.20
C LEU C 142 15.30 30.35 -8.75
N ALA C 143 14.09 30.30 -8.20
CA ALA C 143 13.93 29.90 -6.81
C ALA C 143 12.51 29.39 -6.65
N CYS C 144 12.32 28.56 -5.63
CA CYS C 144 11.02 27.95 -5.40
C CYS C 144 10.93 27.49 -3.95
N GLY C 145 9.69 27.21 -3.54
CA GLY C 145 9.45 26.63 -2.23
C GLY C 145 8.10 25.97 -2.19
N VAL C 146 7.93 25.05 -1.25
CA VAL C 146 6.63 24.42 -1.04
C VAL C 146 5.78 25.32 -0.17
N ILE C 147 4.51 25.47 -0.55
CA ILE C 147 3.57 26.33 0.16
C ILE C 147 3.06 25.58 1.40
N GLY C 148 3.26 26.17 2.57
CA GLY C 148 2.94 25.46 3.80
C GLY C 148 1.87 26.15 4.63
N ILE C 149 1.21 25.40 5.50
CA ILE C 149 0.24 25.99 6.41
C ILE C 149 0.97 26.90 7.40
N ALA C 150 0.46 28.11 7.61
CA ALA C 150 1.12 29.06 8.50
C ALA C 150 0.24 29.38 9.70
N LYS C 151 0.89 29.82 10.78
CA LYS C 151 0.19 30.16 12.03
C LYS C 151 -0.68 31.42 11.86
N ALA D 1 -4.19 15.14 -1.39
CA ALA D 1 -3.59 14.30 -2.42
C ALA D 1 -3.59 12.86 -1.91
N THR D 2 -3.13 11.95 -2.75
CA THR D 2 -2.98 10.57 -2.34
C THR D 2 -1.52 10.15 -2.26
N LYS D 3 -0.59 11.00 -2.72
CA LYS D 3 0.84 10.80 -2.57
C LYS D 3 1.52 12.11 -2.19
N ALA D 4 2.54 12.03 -1.34
CA ALA D 4 3.22 13.25 -0.91
C ALA D 4 4.71 12.99 -0.75
N VAL D 5 5.48 14.08 -0.62
CA VAL D 5 6.92 13.96 -0.52
C VAL D 5 7.45 15.11 0.32
N CYS D 6 8.57 14.87 1.01
CA CYS D 6 9.18 15.86 1.90
C CYS D 6 10.69 15.75 1.81
N VAL D 7 11.36 16.86 1.57
CA VAL D 7 12.82 16.91 1.50
C VAL D 7 13.34 17.59 2.78
N LEU D 8 14.11 16.84 3.57
CA LEU D 8 14.62 17.33 4.84
C LEU D 8 15.96 18.04 4.63
N LYS D 9 16.07 19.25 5.21
CA LYS D 9 17.32 19.98 5.19
C LYS D 9 17.44 20.75 6.49
N GLY D 10 18.67 21.05 6.88
CA GLY D 10 18.90 21.77 8.12
C GLY D 10 20.19 22.55 8.12
N ASP D 11 20.62 23.01 9.30
CA ASP D 11 21.88 23.74 9.39
C ASP D 11 23.09 22.84 9.41
N GLY D 12 22.92 21.55 9.66
CA GLY D 12 24.04 20.62 9.69
C GLY D 12 24.05 19.66 8.52
N PRO D 13 24.60 18.46 8.73
CA PRO D 13 24.76 17.52 7.62
C PRO D 13 23.55 16.63 7.32
N VAL D 14 22.50 16.68 8.14
CA VAL D 14 21.41 15.72 8.00
C VAL D 14 20.56 16.08 6.77
N GLN D 15 20.29 15.08 5.93
CA GLN D 15 19.45 15.23 4.73
C GLN D 15 18.58 14.00 4.57
N GLY D 16 17.57 14.11 3.73
CA GLY D 16 16.71 12.97 3.51
C GLY D 16 15.50 13.29 2.67
N THR D 17 14.89 12.26 2.12
CA THR D 17 13.65 12.38 1.37
C THR D 17 12.67 11.37 1.94
N ILE D 18 11.49 11.86 2.31
CA ILE D 18 10.44 11.04 2.88
C ILE D 18 9.31 10.94 1.86
N HIS D 19 8.77 9.73 1.68
CA HIS D 19 7.68 9.50 0.76
C HIS D 19 6.44 9.07 1.52
N PHE D 20 5.26 9.52 1.05
CA PHE D 20 3.99 9.22 1.69
C PHE D 20 3.00 8.71 0.65
N GLU D 21 2.27 7.65 1.01
CA GLU D 21 1.24 7.13 0.11
C GLU D 21 0.01 6.72 0.91
N ALA D 22 -1.15 7.23 0.50
CA ALA D 22 -2.40 6.86 1.15
C ALA D 22 -2.83 5.45 0.73
N LYS D 23 -3.14 4.62 1.71
CA LYS D 23 -3.69 3.28 1.54
C LYS D 23 -4.85 3.14 2.50
N GLY D 24 -6.07 3.07 1.96
CA GLY D 24 -7.23 3.05 2.82
C GLY D 24 -7.21 4.27 3.72
N ASP D 25 -7.40 4.04 5.02
CA ASP D 25 -7.38 5.09 6.01
C ASP D 25 -6.03 5.23 6.70
N THR D 26 -4.95 4.73 6.07
CA THR D 26 -3.60 4.86 6.58
C THR D 26 -2.72 5.61 5.60
N VAL D 27 -1.54 5.97 6.08
CA VAL D 27 -0.48 6.54 5.25
C VAL D 27 0.76 5.66 5.38
N VAL D 28 1.30 5.22 4.25
CA VAL D 28 2.53 4.43 4.21
C VAL D 28 3.67 5.40 4.04
N VAL D 29 4.60 5.40 5.00
CA VAL D 29 5.70 6.35 5.05
C VAL D 29 6.99 5.59 4.77
N THR D 30 7.73 6.05 3.75
CA THR D 30 8.99 5.45 3.33
C THR D 30 10.01 6.53 3.08
N GLY D 31 11.26 6.12 2.82
CA GLY D 31 12.33 7.02 2.49
C GLY D 31 13.55 6.70 3.31
N SER D 32 14.47 7.66 3.37
CA SER D 32 15.72 7.48 4.10
C SER D 32 16.22 8.86 4.57
N ILE D 33 16.93 8.85 5.68
CA ILE D 33 17.59 10.04 6.21
C ILE D 33 19.08 9.74 6.39
N THR D 34 19.94 10.67 5.98
CA THR D 34 21.38 10.45 6.07
C THR D 34 22.05 11.51 6.92
N GLY D 35 23.30 11.21 7.30
CA GLY D 35 24.07 12.13 8.10
C GLY D 35 23.76 12.12 9.57
N LEU D 36 23.03 11.13 10.06
CA LEU D 36 22.65 11.04 11.45
C LEU D 36 23.73 10.29 12.24
N THR D 37 23.74 10.55 13.54
CA THR D 37 24.53 9.72 14.43
C THR D 37 23.88 8.34 14.53
N GLU D 38 24.71 7.33 14.77
CA GLU D 38 24.23 5.97 14.83
C GLU D 38 23.15 5.86 15.89
N GLY D 39 22.13 5.09 15.66
CA GLY D 39 21.10 5.03 16.66
C GLY D 39 19.76 5.69 16.43
N ASP D 40 18.97 5.81 17.49
CA ASP D 40 17.59 6.32 17.37
C ASP D 40 17.43 7.83 17.40
N HIS D 41 16.50 8.30 16.59
CA HIS D 41 16.19 9.68 16.49
C HIS D 41 14.73 9.99 16.38
N GLY D 42 14.26 10.92 17.18
CA GLY D 42 12.87 11.32 17.09
C GLY D 42 12.42 11.83 15.70
N PHE D 43 11.13 11.57 15.37
CA PHE D 43 10.61 11.79 14.00
C PHE D 43 9.12 12.12 14.07
N HIS D 44 8.74 13.37 13.77
CA HIS D 44 7.35 13.78 13.94
C HIS D 44 6.91 14.70 12.82
N VAL D 45 5.60 14.71 12.60
CA VAL D 45 4.95 15.78 11.86
C VAL D 45 4.72 16.94 12.82
N HIS D 46 5.19 18.14 12.44
CA HIS D 46 4.92 19.34 13.21
C HIS D 46 3.83 20.16 12.52
N GLN D 47 3.26 21.12 13.26
CA GLN D 47 1.98 21.72 12.88
C GLN D 47 2.09 22.58 11.62
N PHE D 48 3.12 23.41 11.50
CA PHE D 48 3.15 24.45 10.46
C PHE D 48 4.19 24.16 9.40
N GLY D 49 3.81 24.38 8.13
CA GLY D 49 4.75 24.29 7.03
C GLY D 49 5.44 25.62 6.82
N ASP D 50 6.04 26.14 7.89
CA ASP D 50 6.62 27.47 7.93
C ASP D 50 8.10 27.29 8.19
N ASN D 51 8.91 27.54 7.17
CA ASN D 51 10.35 27.39 7.22
C ASN D 51 11.07 28.73 7.33
N THR D 52 10.35 29.80 7.73
CA THR D 52 10.97 31.14 7.77
C THR D 52 12.08 31.23 8.80
N GLN D 53 11.99 30.49 9.91
CA GLN D 53 13.03 30.47 10.93
C GLN D 53 13.63 29.07 11.04
N GLY D 54 14.03 28.50 9.92
CA GLY D 54 14.57 27.14 9.96
C GLY D 54 13.50 26.19 10.43
N CYS D 55 13.90 25.20 11.24
CA CYS D 55 12.94 24.24 11.79
C CYS D 55 12.15 24.77 12.99
N THR D 56 12.59 25.87 13.59
CA THR D 56 11.91 26.41 14.77
C THR D 56 10.49 26.84 14.45
N SER D 57 10.27 27.47 13.29
CA SER D 57 8.96 27.99 12.93
C SER D 57 7.98 26.89 12.53
N ALA D 58 8.40 25.62 12.50
CA ALA D 58 7.43 24.56 12.27
C ALA D 58 6.44 24.40 13.44
N GLY D 59 6.70 25.02 14.58
CA GLY D 59 5.79 24.89 15.69
C GLY D 59 5.88 23.53 16.37
N PRO D 60 4.84 23.17 17.13
CA PRO D 60 4.90 21.94 17.94
C PRO D 60 4.53 20.71 17.12
N HIS D 61 4.57 19.54 17.77
CA HIS D 61 4.05 18.33 17.12
C HIS D 61 2.60 18.57 16.76
N PHE D 62 2.21 18.13 15.57
CA PHE D 62 0.83 18.23 15.08
C PHE D 62 -0.09 17.49 16.04
N ASN D 63 -1.02 18.23 16.67
CA ASN D 63 -1.79 17.70 17.80
C ASN D 63 -3.21 18.29 17.77
N PRO D 64 -3.98 18.00 16.72
CA PRO D 64 -5.32 18.61 16.62
C PRO D 64 -6.30 18.09 17.67
N LEU D 65 -6.08 16.92 18.23
CA LEU D 65 -6.96 16.35 19.24
C LEU D 65 -6.53 16.71 20.67
N SER D 66 -5.46 17.49 20.84
CA SER D 66 -5.03 17.99 22.13
C SER D 66 -4.73 16.87 23.13
N LYS D 67 -3.95 15.90 22.70
CA LYS D 67 -3.53 14.80 23.57
C LYS D 67 -2.09 15.01 24.03
N LYS D 68 -1.64 14.13 24.90
CA LYS D 68 -0.25 14.15 25.34
C LYS D 68 0.63 13.36 24.38
N HIS D 69 1.93 13.66 24.42
CA HIS D 69 2.89 12.99 23.55
C HIS D 69 3.02 11.50 23.87
N GLY D 70 3.14 10.69 22.81
CA GLY D 70 3.38 9.28 22.98
C GLY D 70 4.09 8.69 21.78
N GLY D 71 4.18 7.36 21.70
CA GLY D 71 4.68 6.69 20.51
C GLY D 71 3.55 6.39 19.54
N PRO D 72 3.89 6.03 18.30
CA PRO D 72 2.83 5.80 17.30
C PRO D 72 1.91 4.64 17.65
N LYS D 73 2.36 3.68 18.45
CA LYS D 73 1.46 2.58 18.81
C LYS D 73 0.53 2.94 19.95
N ASP D 74 0.78 4.03 20.68
CA ASP D 74 -0.02 4.36 21.86
C ASP D 74 -1.35 4.98 21.45
N GLU D 75 -2.37 4.74 22.29
CA GLU D 75 -3.64 5.42 22.10
C GLU D 75 -3.54 6.91 22.42
N GLU D 76 -2.83 7.25 23.49
CA GLU D 76 -2.61 8.64 23.86
C GLU D 76 -1.34 9.12 23.17
N ARG D 77 -1.51 9.87 22.08
CA ARG D 77 -0.39 10.39 21.30
C ARG D 77 -0.88 11.58 20.51
N HIS D 78 0.08 12.41 20.06
CA HIS D 78 -0.24 13.41 19.06
C HIS D 78 -0.39 12.74 17.70
N VAL D 79 -1.22 13.33 16.83
CA VAL D 79 -1.33 12.84 15.45
C VAL D 79 0.05 12.77 14.80
N GLY D 80 0.91 13.74 15.08
CA GLY D 80 2.21 13.74 14.43
C GLY D 80 3.25 12.81 15.00
N ASP D 81 2.92 12.01 16.02
CA ASP D 81 3.92 11.22 16.73
C ASP D 81 4.23 9.95 15.95
N LEU D 82 5.31 9.97 15.18
CA LEU D 82 5.72 8.80 14.43
C LEU D 82 6.88 8.12 15.07
N GLY D 83 7.21 8.52 16.28
CA GLY D 83 8.14 7.77 17.04
C GLY D 83 9.55 8.02 16.62
N ASN D 84 10.22 6.92 16.38
CA ASN D 84 11.66 6.90 16.22
C ASN D 84 12.11 6.31 14.90
N VAL D 85 13.08 6.95 14.23
CA VAL D 85 13.82 6.29 13.14
C VAL D 85 15.17 5.86 13.68
N THR D 86 15.80 4.89 13.02
CA THR D 86 17.04 4.30 13.53
C THR D 86 18.13 4.34 12.47
N ALA D 87 19.23 5.04 12.78
CA ALA D 87 20.36 5.16 11.87
C ALA D 87 21.39 4.05 12.14
N ASP D 88 21.98 3.53 11.07
CA ASP D 88 23.02 2.52 11.17
C ASP D 88 24.37 3.16 11.46
N LYS D 89 25.43 2.35 11.44
CA LYS D 89 26.78 2.85 11.66
C LYS D 89 27.18 3.85 10.59
N ASN D 90 26.65 3.71 9.38
CA ASN D 90 27.02 4.64 8.30
C ASN D 90 26.15 5.91 8.30
N GLY D 91 25.34 6.11 9.33
CA GLY D 91 24.54 7.32 9.51
C GLY D 91 23.25 7.37 8.71
N VAL D 92 22.82 6.23 8.14
CA VAL D 92 21.64 6.15 7.28
C VAL D 92 20.52 5.45 8.03
N ALA D 93 19.35 6.11 8.09
CA ALA D 93 18.13 5.50 8.63
C ALA D 93 17.15 5.25 7.50
N ILE D 94 16.68 4.00 7.38
CA ILE D 94 15.64 3.64 6.43
C ILE D 94 14.29 3.81 7.12
N VAL D 95 13.41 4.61 6.51
CA VAL D 95 12.10 4.93 7.07
C VAL D 95 11.07 3.91 6.57
N ASP D 96 10.35 3.29 7.50
CA ASP D 96 9.32 2.31 7.12
C ASP D 96 8.25 2.34 8.22
N ILE D 97 7.23 3.18 8.03
CA ILE D 97 6.18 3.40 9.01
C ILE D 97 4.84 3.40 8.31
N VAL D 98 3.85 2.68 8.86
CA VAL D 98 2.47 2.76 8.40
C VAL D 98 1.63 3.37 9.53
N ASP D 99 0.96 4.50 9.26
CA ASP D 99 0.31 5.17 10.36
C ASP D 99 -1.16 5.41 10.09
N PRO D 100 -2.02 5.14 11.09
CA PRO D 100 -3.47 5.33 10.90
C PRO D 100 -4.02 6.70 11.26
N LEU D 101 -3.24 7.59 11.89
CA LEU D 101 -3.80 8.84 12.37
C LEU D 101 -3.50 10.00 11.41
N ILE D 102 -2.27 10.09 10.89
CA ILE D 102 -2.02 11.08 9.86
C ILE D 102 -2.82 10.71 8.61
N SER D 103 -3.05 11.71 7.75
CA SER D 103 -3.73 11.51 6.49
C SER D 103 -3.15 12.47 5.47
N LEU D 104 -3.42 12.21 4.19
CA LEU D 104 -3.03 13.12 3.12
C LEU D 104 -4.19 13.95 2.57
N SER D 105 -5.38 13.83 3.15
CA SER D 105 -6.50 14.67 2.72
C SER D 105 -7.48 14.77 3.88
N GLY D 106 -8.33 15.78 3.82
CA GLY D 106 -9.33 15.88 4.87
C GLY D 106 -8.77 16.43 6.17
N GLU D 107 -9.46 16.08 7.26
CA GLU D 107 -9.24 16.76 8.55
C GLU D 107 -7.83 16.54 9.10
N TYR D 108 -7.28 15.34 8.99
CA TYR D 108 -5.96 15.06 9.56
C TYR D 108 -4.83 15.19 8.54
N SER D 109 -5.08 15.87 7.44
CA SER D 109 -4.09 15.99 6.37
C SER D 109 -2.81 16.64 6.88
N ILE D 110 -1.67 16.04 6.52
CA ILE D 110 -0.38 16.65 6.81
C ILE D 110 0.22 17.36 5.61
N ILE D 111 -0.51 17.43 4.48
CA ILE D 111 -0.04 18.22 3.35
C ILE D 111 0.16 19.66 3.81
N GLY D 112 1.32 20.24 3.50
CA GLY D 112 1.59 21.59 3.94
C GLY D 112 2.06 21.73 5.38
N ARG D 113 2.28 20.63 6.08
CA ARG D 113 2.85 20.64 7.43
C ARG D 113 4.33 20.25 7.31
N THR D 114 5.00 19.98 8.44
CA THR D 114 6.45 19.80 8.40
C THR D 114 6.88 18.48 9.04
N MET D 115 7.77 17.76 8.36
CA MET D 115 8.50 16.64 9.00
C MET D 115 9.77 17.15 9.67
N VAL D 116 10.05 16.65 10.87
CA VAL D 116 11.24 17.05 11.62
C VAL D 116 11.92 15.80 12.14
N VAL D 117 13.24 15.72 11.97
CA VAL D 117 14.04 14.66 12.59
C VAL D 117 14.93 15.30 13.65
N HIS D 118 15.10 14.60 14.75
CA HIS D 118 15.64 15.20 15.95
C HIS D 118 17.01 14.65 16.31
N GLU D 119 17.65 15.38 17.24
CA GLU D 119 19.01 15.11 17.69
C GLU D 119 19.07 13.85 18.55
N LYS D 120 18.05 13.63 19.37
CA LYS D 120 18.05 12.56 20.36
C LYS D 120 16.91 11.58 20.12
N PRO D 121 16.92 10.43 20.78
CA PRO D 121 15.76 9.55 20.71
C PRO D 121 14.53 10.19 21.32
N ASP D 122 13.38 9.81 20.79
CA ASP D 122 12.07 10.14 21.36
C ASP D 122 11.79 9.14 22.48
N ASP D 123 11.58 9.61 23.71
CA ASP D 123 11.33 8.64 24.77
C ASP D 123 9.88 8.13 24.78
N LEU D 124 9.08 8.51 23.78
CA LEU D 124 7.72 7.99 23.55
C LEU D 124 6.80 8.31 24.72
N GLY D 125 7.12 9.38 25.43
CA GLY D 125 6.30 9.83 26.55
C GLY D 125 6.49 9.06 27.83
N ARG D 126 7.52 8.22 27.91
CA ARG D 126 7.74 7.37 29.08
C ARG D 126 8.85 7.88 29.98
N GLY D 127 9.28 9.12 29.79
CA GLY D 127 10.43 9.64 30.52
C GLY D 127 10.15 10.01 31.96
N GLY D 128 8.89 10.20 32.33
CA GLY D 128 8.57 10.52 33.71
C GLY D 128 8.74 11.97 34.10
N ASN D 129 8.66 12.91 33.15
CA ASN D 129 8.68 14.33 33.45
C ASN D 129 7.76 15.07 32.48
N GLU D 130 7.62 16.39 32.71
CA GLU D 130 6.71 17.20 31.91
C GLU D 130 7.12 17.23 30.44
N GLU D 131 8.41 17.44 30.17
CA GLU D 131 8.86 17.53 28.78
C GLU D 131 8.57 16.26 28.01
N SER D 132 8.66 15.10 28.66
CA SER D 132 8.44 13.83 27.97
C SER D 132 7.01 13.75 27.42
N THR D 133 6.04 14.31 28.16
CA THR D 133 4.64 14.34 27.76
C THR D 133 4.35 15.41 26.72
N LYS D 134 5.34 16.22 26.36
CA LYS D 134 5.18 17.26 25.35
C LYS D 134 5.97 16.94 24.08
N THR D 135 7.25 16.62 24.22
CA THR D 135 8.10 16.40 23.06
C THR D 135 8.81 15.06 23.06
N GLY D 136 8.66 14.26 24.11
CA GLY D 136 9.49 13.07 24.22
C GLY D 136 10.97 13.29 24.45
N ASN D 137 11.38 14.49 24.83
CA ASN D 137 12.80 14.77 25.13
C ASN D 137 13.70 14.44 23.95
N ALA D 138 13.22 14.67 22.72
CA ALA D 138 14.01 14.36 21.53
C ALA D 138 15.05 15.41 21.18
N GLY D 139 15.07 16.54 21.91
CA GLY D 139 16.14 17.49 21.72
C GLY D 139 15.92 18.35 20.48
N SER D 140 17.03 18.90 19.97
CA SER D 140 16.96 19.89 18.93
C SER D 140 16.54 19.28 17.59
N ARG D 141 16.09 20.15 16.69
CA ARG D 141 15.62 19.75 15.37
C ARG D 141 16.77 19.82 14.38
N LEU D 142 17.19 18.66 13.86
CA LEU D 142 18.35 18.61 12.99
C LEU D 142 18.03 18.97 11.55
N ALA D 143 16.89 18.53 11.04
CA ALA D 143 16.53 18.79 9.65
C ALA D 143 15.00 18.74 9.55
N CYS D 144 14.45 19.42 8.54
N CYS D 144 14.48 19.40 8.53
CA CYS D 144 13.00 19.49 8.39
CA CYS D 144 13.01 19.43 8.37
C CYS D 144 12.67 19.86 6.95
C CYS D 144 12.65 19.89 6.96
N GLY D 145 11.40 19.64 6.58
CA GLY D 145 10.89 20.06 5.28
C GLY D 145 9.38 20.12 5.26
N VAL D 146 8.87 20.90 4.30
CA VAL D 146 7.44 21.00 4.11
C VAL D 146 6.96 19.81 3.31
N ILE D 147 5.83 19.24 3.73
CA ILE D 147 5.26 18.08 3.07
C ILE D 147 4.49 18.54 1.84
N GLY D 148 4.89 18.05 0.67
CA GLY D 148 4.30 18.53 -0.57
C GLY D 148 3.54 17.47 -1.35
N ILE D 149 2.62 17.91 -2.23
CA ILE D 149 1.88 16.99 -3.10
C ILE D 149 2.83 16.43 -4.14
N ALA D 150 2.78 15.12 -4.34
CA ALA D 150 3.64 14.41 -5.27
C ALA D 150 2.82 13.85 -6.43
N LYS D 151 3.52 13.58 -7.53
CA LYS D 151 2.89 13.11 -8.77
C LYS D 151 2.23 11.72 -8.67
N ALA E 1 16.50 -20.72 9.32
CA ALA E 1 16.67 -19.31 9.65
C ALA E 1 15.72 -18.43 8.84
N THR E 2 15.17 -17.42 9.51
CA THR E 2 14.30 -16.46 8.84
C THR E 2 14.88 -15.07 8.82
N LYS E 3 15.97 -14.80 9.56
CA LYS E 3 16.64 -13.51 9.50
C LYS E 3 18.15 -13.70 9.42
N ALA E 4 18.79 -12.84 8.64
CA ALA E 4 20.23 -12.86 8.47
C ALA E 4 20.70 -11.42 8.32
N VAL E 5 22.01 -11.21 8.43
CA VAL E 5 22.60 -9.88 8.35
C VAL E 5 24.01 -9.99 7.83
N CYS E 6 24.49 -8.94 7.19
CA CYS E 6 25.83 -8.91 6.63
C CYS E 6 26.39 -7.50 6.79
N VAL E 7 27.59 -7.41 7.35
CA VAL E 7 28.30 -6.13 7.44
C VAL E 7 29.36 -6.09 6.35
N LEU E 8 29.24 -5.12 5.45
CA LEU E 8 30.13 -4.97 4.31
C LEU E 8 31.33 -4.12 4.68
N LYS E 9 32.52 -4.62 4.37
CA LYS E 9 33.74 -3.85 4.63
C LYS E 9 34.76 -4.17 3.55
N GLY E 10 35.68 -3.23 3.35
CA GLY E 10 36.74 -3.39 2.39
C GLY E 10 37.94 -2.55 2.76
N ASP E 11 38.89 -2.44 1.83
CA ASP E 11 40.07 -1.62 2.08
C ASP E 11 39.82 -0.14 1.89
N GLY E 12 38.72 0.25 1.23
CA GLY E 12 38.43 1.65 0.99
C GLY E 12 37.31 2.15 1.86
N PRO E 13 36.56 3.15 1.38
CA PRO E 13 35.53 3.79 2.20
C PRO E 13 34.17 3.13 2.18
N VAL E 14 33.95 2.08 1.38
CA VAL E 14 32.59 1.56 1.21
C VAL E 14 32.18 0.81 2.47
N GLN E 15 31.04 1.17 3.03
CA GLN E 15 30.54 0.43 4.18
C GLN E 15 29.02 0.37 4.19
N GLY E 16 28.50 -0.64 4.88
CA GLY E 16 27.07 -0.80 4.95
C GLY E 16 26.66 -2.07 5.64
N THR E 17 25.39 -2.14 6.05
CA THR E 17 24.80 -3.29 6.70
C THR E 17 23.63 -3.73 5.86
N ILE E 18 23.57 -5.02 5.53
CA ILE E 18 22.51 -5.60 4.73
C ILE E 18 21.72 -6.54 5.62
N HIS E 19 20.40 -6.43 5.57
CA HIS E 19 19.52 -7.30 6.33
C HIS E 19 18.77 -8.21 5.37
N PHE E 20 18.51 -9.43 5.82
CA PHE E 20 17.80 -10.42 5.03
C PHE E 20 16.65 -10.96 5.86
N GLU E 21 15.49 -11.10 5.23
CA GLU E 21 14.37 -11.70 5.93
C GLU E 21 13.64 -12.64 5.00
N ALA E 22 13.46 -13.88 5.45
CA ALA E 22 12.69 -14.85 4.70
C ALA E 22 11.20 -14.55 4.86
N LYS E 23 10.48 -14.48 3.75
CA LYS E 23 9.02 -14.38 3.77
C LYS E 23 8.52 -15.45 2.80
N GLY E 24 8.04 -16.56 3.35
CA GLY E 24 7.65 -17.65 2.45
C GLY E 24 8.81 -18.12 1.58
N ASP E 25 8.58 -18.17 0.25
CA ASP E 25 9.60 -18.62 -0.67
C ASP E 25 10.45 -17.47 -1.22
N THR E 26 10.40 -16.30 -0.59
CA THR E 26 11.23 -15.19 -1.02
C THR E 26 12.14 -14.73 0.12
N VAL E 27 13.15 -13.95 -0.26
CA VAL E 27 14.01 -13.26 0.69
C VAL E 27 13.94 -11.77 0.39
N VAL E 28 13.66 -10.97 1.43
CA VAL E 28 13.60 -9.52 1.35
C VAL E 28 14.93 -8.97 1.83
N VAL E 29 15.61 -8.20 0.98
CA VAL E 29 16.95 -7.71 1.24
C VAL E 29 16.88 -6.19 1.38
N THR E 30 17.30 -5.68 2.53
CA THR E 30 17.22 -4.24 2.77
C THR E 30 18.50 -3.75 3.41
N GLY E 31 18.69 -2.43 3.43
CA GLY E 31 19.84 -1.86 4.07
C GLY E 31 20.39 -0.69 3.28
N SER E 32 21.63 -0.32 3.60
CA SER E 32 22.24 0.86 2.98
C SER E 32 23.73 0.65 2.80
N ILE E 33 24.29 1.26 1.76
CA ILE E 33 25.72 1.29 1.54
C ILE E 33 26.16 2.73 1.27
N THR E 34 27.25 3.16 1.90
CA THR E 34 27.76 4.51 1.69
C THR E 34 29.19 4.41 1.15
N GLY E 35 29.73 5.53 0.69
CA GLY E 35 31.06 5.55 0.13
C GLY E 35 31.18 5.10 -1.31
N LEU E 36 30.05 4.94 -2.01
CA LEU E 36 30.06 4.50 -3.40
C LEU E 36 30.15 5.70 -4.33
N THR E 37 30.62 5.44 -5.54
CA THR E 37 30.51 6.44 -6.60
C THR E 37 29.07 6.50 -7.09
N GLU E 38 28.66 7.67 -7.58
CA GLU E 38 27.29 7.82 -8.07
C GLU E 38 27.03 6.82 -9.20
N GLY E 39 25.82 6.24 -9.20
CA GLY E 39 25.42 5.33 -10.25
C GLY E 39 25.32 3.90 -9.74
N ASP E 40 25.26 2.96 -10.69
CA ASP E 40 24.97 1.57 -10.40
C ASP E 40 26.21 0.77 -10.03
N HIS E 41 26.00 -0.23 -9.16
CA HIS E 41 27.06 -1.10 -8.67
C HIS E 41 26.56 -2.53 -8.59
N GLY E 42 27.31 -3.47 -9.16
CA GLY E 42 26.91 -4.86 -9.09
C GLY E 42 26.87 -5.37 -7.66
N PHE E 43 25.97 -6.31 -7.41
CA PHE E 43 25.60 -6.71 -6.05
C PHE E 43 25.20 -8.17 -6.12
N HIS E 44 26.03 -9.07 -5.59
CA HIS E 44 25.80 -10.50 -5.71
C HIS E 44 26.21 -11.25 -4.44
N VAL E 45 25.57 -12.41 -4.26
CA VAL E 45 26.08 -13.41 -3.33
C VAL E 45 27.17 -14.21 -4.01
N HIS E 46 28.35 -14.29 -3.39
CA HIS E 46 29.41 -15.16 -3.87
C HIS E 46 29.46 -16.43 -3.05
N GLN E 47 30.16 -17.42 -3.59
CA GLN E 47 29.97 -18.79 -3.14
C GLN E 47 30.46 -19.01 -1.72
N PHE E 48 31.64 -18.50 -1.38
CA PHE E 48 32.29 -18.87 -0.12
C PHE E 48 32.29 -17.72 0.89
N GLY E 49 32.06 -18.07 2.15
CA GLY E 49 32.16 -17.12 3.24
C GLY E 49 33.56 -17.03 3.78
N ASP E 50 34.51 -16.81 2.87
CA ASP E 50 35.94 -16.86 3.16
C ASP E 50 36.54 -15.48 2.90
N ASN E 51 36.93 -14.79 3.97
CA ASN E 51 37.52 -13.45 3.93
C ASN E 51 39.02 -13.44 4.24
N THR E 52 39.68 -14.59 4.17
CA THR E 52 41.09 -14.65 4.54
C THR E 52 41.94 -13.81 3.59
N GLN E 53 41.48 -13.73 2.35
CA GLN E 53 42.14 -13.16 1.20
C GLN E 53 41.31 -11.97 0.69
N GLY E 54 40.78 -11.17 1.61
CA GLY E 54 39.88 -10.08 1.25
C GLY E 54 38.61 -10.60 0.61
N CYS E 55 38.10 -9.83 -0.35
N CYS E 55 38.08 -9.84 -0.36
CA CYS E 55 36.91 -10.24 -1.09
CA CYS E 55 36.87 -10.26 -1.10
C CYS E 55 37.25 -11.26 -2.18
C CYS E 55 37.25 -11.31 -2.17
N THR E 56 38.53 -11.39 -2.51
CA THR E 56 38.95 -12.32 -3.55
C THR E 56 38.61 -13.75 -3.17
N SER E 57 38.78 -14.11 -1.89
CA SER E 57 38.54 -15.48 -1.47
C SER E 57 37.05 -15.85 -1.42
N ALA E 58 36.13 -14.93 -1.71
CA ALA E 58 34.71 -15.33 -1.76
C ALA E 58 34.39 -16.21 -2.96
N GLY E 59 35.28 -16.32 -3.94
CA GLY E 59 35.01 -17.15 -5.11
C GLY E 59 34.01 -16.49 -6.04
N PRO E 60 33.42 -17.27 -6.94
CA PRO E 60 32.56 -16.70 -8.00
C PRO E 60 31.14 -16.44 -7.47
N HIS E 61 30.28 -15.94 -8.36
CA HIS E 61 28.86 -15.83 -8.04
C HIS E 61 28.32 -17.21 -7.68
N PHE E 62 27.52 -17.26 -6.62
CA PHE E 62 26.91 -18.52 -6.17
C PHE E 62 26.03 -19.08 -7.28
N ASN E 63 26.37 -20.27 -7.77
CA ASN E 63 25.80 -20.76 -9.03
C ASN E 63 25.57 -22.27 -8.99
N PRO E 64 24.70 -22.75 -8.08
CA PRO E 64 24.52 -24.20 -7.96
C PRO E 64 23.88 -24.84 -9.16
N LEU E 65 23.13 -24.08 -9.99
CA LEU E 65 22.47 -24.62 -11.18
C LEU E 65 23.34 -24.52 -12.43
N SER E 66 24.57 -24.00 -12.31
CA SER E 66 25.52 -23.94 -13.42
C SER E 66 24.93 -23.21 -14.63
N LYS E 67 24.36 -22.04 -14.37
CA LYS E 67 23.76 -21.18 -15.38
C LYS E 67 24.72 -20.07 -15.76
N LYS E 68 24.31 -19.30 -16.76
CA LYS E 68 25.05 -18.12 -17.15
C LYS E 68 24.57 -16.93 -16.31
N HIS E 69 25.42 -15.93 -16.21
CA HIS E 69 25.11 -14.74 -15.43
C HIS E 69 23.91 -13.99 -15.99
N GLY E 70 23.09 -13.44 -15.10
CA GLY E 70 21.98 -12.62 -15.57
C GLY E 70 21.56 -11.60 -14.56
N GLY E 71 20.44 -10.92 -14.80
CA GLY E 71 19.85 -10.07 -13.80
C GLY E 71 18.90 -10.89 -12.96
N PRO E 72 18.48 -10.36 -11.80
CA PRO E 72 17.59 -11.14 -10.92
C PRO E 72 16.24 -11.44 -11.52
N LYS E 73 15.77 -10.62 -12.46
CA LYS E 73 14.51 -10.88 -13.13
C LYS E 73 14.63 -11.84 -14.31
N ASP E 74 15.84 -12.26 -14.64
CA ASP E 74 16.01 -13.17 -15.79
C ASP E 74 15.79 -14.64 -15.39
N GLU E 75 15.37 -15.48 -16.35
CA GLU E 75 15.25 -16.94 -16.05
C GLU E 75 16.67 -17.49 -16.06
N GLU E 76 17.48 -16.98 -16.99
CA GLU E 76 18.90 -17.39 -17.00
C GLU E 76 19.68 -16.43 -16.10
N ARG E 77 20.09 -16.93 -14.95
CA ARG E 77 20.83 -16.16 -13.95
C ARG E 77 21.48 -17.14 -12.98
N HIS E 78 22.51 -16.66 -12.27
CA HIS E 78 23.03 -17.35 -11.10
C HIS E 78 22.13 -17.13 -9.89
N VAL E 79 22.13 -18.09 -8.96
CA VAL E 79 21.38 -17.87 -7.73
C VAL E 79 21.83 -16.58 -7.05
N GLY E 80 23.15 -16.32 -7.05
CA GLY E 80 23.59 -15.13 -6.35
C GLY E 80 23.38 -13.81 -7.06
N ASP E 81 22.78 -13.78 -8.26
CA ASP E 81 22.67 -12.56 -9.07
C ASP E 81 21.55 -11.65 -8.56
N LEU E 82 21.92 -10.61 -7.80
CA LEU E 82 20.94 -9.65 -7.31
C LEU E 82 21.00 -8.30 -8.05
N GLY E 83 21.70 -8.23 -9.17
CA GLY E 83 21.59 -7.05 -10.05
C GLY E 83 22.44 -5.88 -9.57
N ASN E 84 21.84 -4.68 -9.57
CA ASN E 84 22.56 -3.46 -9.24
C ASN E 84 21.91 -2.75 -8.06
N VAL E 85 22.75 -2.19 -7.21
CA VAL E 85 22.29 -1.16 -6.27
C VAL E 85 22.72 0.18 -6.84
N THR E 86 22.01 1.25 -6.46
CA THR E 86 22.18 2.56 -7.07
C THR E 86 22.54 3.58 -6.00
N ALA E 87 23.72 4.20 -6.13
CA ALA E 87 24.15 5.22 -5.21
C ALA E 87 23.76 6.59 -5.74
N ASP E 88 23.34 7.48 -4.84
CA ASP E 88 22.96 8.82 -5.25
C ASP E 88 24.23 9.67 -5.39
N LYS E 89 24.03 10.98 -5.61
CA LYS E 89 25.16 11.89 -5.79
C LYS E 89 26.05 11.96 -4.57
N ASN E 90 25.51 11.66 -3.39
CA ASN E 90 26.27 11.64 -2.15
C ASN E 90 26.90 10.28 -1.86
N GLY E 91 26.82 9.34 -2.79
CA GLY E 91 27.46 8.04 -2.60
C GLY E 91 26.69 7.04 -1.76
N VAL E 92 25.40 7.29 -1.51
CA VAL E 92 24.57 6.47 -0.65
C VAL E 92 23.64 5.64 -1.51
N ALA E 93 23.64 4.32 -1.29
CA ALA E 93 22.73 3.40 -1.95
C ALA E 93 21.77 2.81 -0.92
N ILE E 94 20.47 2.92 -1.19
CA ILE E 94 19.45 2.27 -0.37
C ILE E 94 19.08 0.94 -1.02
N VAL E 95 19.26 -0.17 -0.29
CA VAL E 95 18.99 -1.50 -0.81
C VAL E 95 17.55 -1.92 -0.49
N ASP E 96 16.82 -2.35 -1.52
CA ASP E 96 15.44 -2.81 -1.42
C ASP E 96 15.24 -3.85 -2.53
N ILE E 97 15.46 -5.12 -2.18
CA ILE E 97 15.44 -6.19 -3.16
C ILE E 97 14.57 -7.33 -2.62
N VAL E 98 13.64 -7.82 -3.44
CA VAL E 98 12.86 -9.01 -3.09
C VAL E 98 13.22 -10.10 -4.09
N ASP E 99 13.78 -11.22 -3.61
CA ASP E 99 14.29 -12.26 -4.53
C ASP E 99 13.71 -13.62 -4.24
N PRO E 100 13.27 -14.36 -5.28
CA PRO E 100 12.68 -15.68 -5.07
C PRO E 100 13.66 -16.85 -5.12
N LEU E 101 14.90 -16.62 -5.54
CA LEU E 101 15.84 -17.71 -5.79
C LEU E 101 16.82 -17.93 -4.64
N ILE E 102 17.38 -16.86 -4.07
CA ILE E 102 18.20 -17.02 -2.86
C ILE E 102 17.33 -17.53 -1.72
N SER E 103 17.99 -18.09 -0.71
CA SER E 103 17.27 -18.61 0.45
C SER E 103 18.16 -18.44 1.67
N LEU E 104 17.53 -18.46 2.85
CA LEU E 104 18.27 -18.47 4.11
C LEU E 104 18.34 -19.87 4.71
N SER E 105 17.85 -20.87 3.99
CA SER E 105 17.89 -22.25 4.46
C SER E 105 17.88 -23.18 3.26
N GLY E 106 18.21 -24.45 3.49
CA GLY E 106 18.16 -25.45 2.43
C GLY E 106 19.31 -25.36 1.43
N GLU E 107 19.06 -25.92 0.24
CA GLU E 107 20.13 -26.15 -0.73
C GLU E 107 20.76 -24.86 -1.22
N TYR E 108 19.96 -23.82 -1.47
CA TYR E 108 20.45 -22.54 -1.94
C TYR E 108 20.63 -21.55 -0.80
N SER E 109 20.79 -22.02 0.43
CA SER E 109 21.00 -21.11 1.56
C SER E 109 22.23 -20.25 1.31
N ILE E 110 22.10 -18.94 1.56
CA ILE E 110 23.25 -18.04 1.48
C ILE E 110 23.86 -17.76 2.85
N ILE E 111 23.35 -18.41 3.91
CA ILE E 111 23.99 -18.29 5.22
C ILE E 111 25.41 -18.83 5.14
N GLY E 112 26.36 -18.07 5.63
CA GLY E 112 27.75 -18.47 5.55
C GLY E 112 28.39 -18.20 4.20
N ARG E 113 27.69 -17.56 3.27
CA ARG E 113 28.30 -17.12 2.02
C ARG E 113 28.58 -15.62 2.14
N THR E 114 28.94 -14.96 1.05
CA THR E 114 29.46 -13.61 1.12
C THR E 114 28.68 -12.69 0.18
N MET E 115 28.26 -11.53 0.69
CA MET E 115 27.74 -10.48 -0.16
C MET E 115 28.86 -9.58 -0.65
N VAL E 116 28.84 -9.23 -1.94
CA VAL E 116 29.85 -8.37 -2.53
C VAL E 116 29.18 -7.23 -3.29
N VAL E 117 29.69 -6.00 -3.09
CA VAL E 117 29.29 -4.85 -3.89
C VAL E 117 30.48 -4.43 -4.75
N HIS E 118 30.21 -4.06 -6.00
CA HIS E 118 31.24 -3.98 -7.04
C HIS E 118 31.52 -2.55 -7.49
N GLU E 119 32.61 -2.42 -8.23
CA GLU E 119 33.10 -1.12 -8.67
C GLU E 119 32.21 -0.52 -9.76
N LYS E 120 31.71 -1.32 -10.68
CA LYS E 120 30.97 -0.83 -11.85
C LYS E 120 29.55 -1.40 -11.93
N PRO E 121 28.69 -0.89 -12.82
CA PRO E 121 27.38 -1.51 -13.00
C PRO E 121 27.51 -2.92 -13.56
N ASP E 122 26.57 -3.75 -13.16
CA ASP E 122 26.38 -5.09 -13.70
C ASP E 122 25.54 -5.01 -14.98
N ASP E 123 26.09 -5.51 -16.11
CA ASP E 123 25.34 -5.46 -17.37
C ASP E 123 24.29 -6.58 -17.48
N LEU E 124 24.08 -7.37 -16.41
CA LEU E 124 22.99 -8.34 -16.33
C LEU E 124 23.11 -9.44 -17.40
N GLY E 125 24.34 -9.74 -17.83
CA GLY E 125 24.55 -10.80 -18.80
C GLY E 125 24.22 -10.38 -20.23
N ARG E 126 23.97 -9.09 -20.45
CA ARG E 126 23.59 -8.64 -21.77
C ARG E 126 24.68 -7.90 -22.54
N GLY E 127 25.92 -8.03 -22.10
CA GLY E 127 27.00 -7.36 -22.80
C GLY E 127 27.61 -8.11 -23.97
N GLY E 128 27.10 -9.30 -24.29
CA GLY E 128 27.54 -10.03 -25.47
C GLY E 128 28.86 -10.76 -25.37
N ASN E 129 29.81 -10.29 -24.55
CA ASN E 129 31.13 -10.89 -24.51
C ASN E 129 31.22 -11.95 -23.40
N GLU E 130 32.38 -12.60 -23.36
CA GLU E 130 32.59 -13.71 -22.44
C GLU E 130 32.44 -13.28 -20.98
N GLU E 131 33.03 -12.15 -20.62
CA GLU E 131 32.96 -11.68 -19.25
C GLU E 131 31.52 -11.35 -18.83
N SER E 132 30.70 -10.82 -19.74
CA SER E 132 29.32 -10.50 -19.37
C SER E 132 28.56 -11.75 -18.91
N THR E 133 28.83 -12.91 -19.53
CA THR E 133 28.15 -14.14 -19.16
C THR E 133 28.66 -14.76 -17.87
N LYS E 134 29.72 -14.20 -17.30
CA LYS E 134 30.31 -14.73 -16.07
C LYS E 134 30.09 -13.79 -14.89
N THR E 135 30.40 -12.51 -15.07
CA THR E 135 30.35 -11.54 -13.99
C THR E 135 29.50 -10.32 -14.31
N GLY E 136 28.94 -10.21 -15.51
CA GLY E 136 28.25 -8.98 -15.86
C GLY E 136 29.15 -7.77 -15.99
N ASN E 137 30.46 -7.96 -16.08
CA ASN E 137 31.42 -6.86 -16.24
C ASN E 137 31.36 -5.86 -15.08
N ALA E 138 31.05 -6.33 -13.88
CA ALA E 138 30.86 -5.40 -12.75
C ALA E 138 32.19 -4.97 -12.15
N GLY E 139 33.24 -5.60 -12.59
CA GLY E 139 34.56 -5.15 -12.14
C GLY E 139 34.93 -5.50 -10.71
N SER E 140 35.77 -4.68 -10.12
CA SER E 140 36.35 -4.95 -8.80
C SER E 140 35.36 -5.17 -7.67
N ARG E 141 35.83 -5.88 -6.65
CA ARG E 141 35.02 -6.14 -5.45
C ARG E 141 35.41 -5.06 -4.44
N LEU E 142 34.51 -4.13 -4.13
CA LEU E 142 34.85 -3.01 -3.27
C LEU E 142 34.71 -3.32 -1.77
N ALA E 143 33.68 -4.07 -1.39
CA ALA E 143 33.45 -4.40 0.02
C ALA E 143 32.65 -5.68 0.05
N CYS E 144 32.77 -6.41 1.17
CA CYS E 144 32.11 -7.70 1.29
C CYS E 144 31.97 -8.06 2.76
N GLY E 145 31.10 -9.02 3.03
CA GLY E 145 30.96 -9.53 4.39
C GLY E 145 30.31 -10.89 4.34
N VAL E 146 30.53 -11.66 5.39
CA VAL E 146 29.93 -12.98 5.51
C VAL E 146 28.51 -12.83 6.03
N ILE E 147 27.59 -13.59 5.44
CA ILE E 147 26.18 -13.54 5.81
C ILE E 147 25.96 -14.43 7.04
N GLY E 148 25.48 -13.82 8.13
CA GLY E 148 25.32 -14.53 9.39
C GLY E 148 23.88 -14.58 9.88
N ILE E 149 23.60 -15.56 10.74
CA ILE E 149 22.26 -15.69 11.31
C ILE E 149 21.98 -14.52 12.25
N ALA E 150 20.80 -13.91 12.13
CA ALA E 150 20.43 -12.77 12.95
C ALA E 150 19.27 -13.12 13.86
N LYS E 151 19.14 -12.33 14.93
CA LYS E 151 18.05 -12.51 15.90
C LYS E 151 16.72 -12.13 15.28
N ALA F 1 27.80 -28.24 4.78
CA ALA F 1 29.17 -28.04 4.52
C ALA F 1 30.11 -29.00 5.24
N THR F 2 31.26 -29.21 4.66
CA THR F 2 32.24 -30.04 5.32
C THR F 2 33.48 -29.25 5.69
N LYS F 3 33.59 -28.00 5.24
CA LYS F 3 34.67 -27.11 5.63
C LYS F 3 34.11 -25.72 5.91
N ALA F 4 34.69 -25.02 6.89
CA ALA F 4 34.26 -23.69 7.23
C ALA F 4 35.48 -22.86 7.60
N VAL F 5 35.30 -21.55 7.69
CA VAL F 5 36.40 -20.63 7.96
C VAL F 5 35.84 -19.39 8.66
N CYS F 6 36.68 -18.80 9.51
CA CYS F 6 36.28 -17.63 10.28
C CYS F 6 37.49 -16.73 10.47
N VAL F 7 37.37 -15.45 10.10
CA VAL F 7 38.44 -14.49 10.34
C VAL F 7 38.03 -13.64 11.53
N LEU F 8 38.81 -13.71 12.60
CA LEU F 8 38.51 -13.00 13.84
C LEU F 8 39.12 -11.61 13.81
N LYS F 9 38.31 -10.60 14.12
CA LYS F 9 38.79 -9.23 14.22
C LYS F 9 38.04 -8.49 15.31
N GLY F 10 38.66 -7.44 15.84
CA GLY F 10 38.11 -6.67 16.93
C GLY F 10 38.60 -5.23 16.97
N ASP F 11 38.36 -4.57 18.11
CA ASP F 11 38.78 -3.18 18.32
C ASP F 11 40.26 -3.05 18.65
N GLY F 12 40.92 -4.14 19.03
CA GLY F 12 42.30 -4.10 19.40
C GLY F 12 43.20 -4.84 18.44
N PRO F 13 44.29 -5.40 18.99
CA PRO F 13 45.30 -6.04 18.15
C PRO F 13 45.03 -7.50 17.83
N VAL F 14 43.98 -8.10 18.40
CA VAL F 14 43.74 -9.54 18.27
C VAL F 14 43.16 -9.83 16.89
N GLN F 15 43.77 -10.78 16.20
CA GLN F 15 43.28 -11.24 14.91
C GLN F 15 43.57 -12.72 14.79
N GLY F 16 42.93 -13.37 13.83
CA GLY F 16 43.20 -14.77 13.60
C GLY F 16 42.29 -15.32 12.52
N THR F 17 42.72 -16.46 11.98
CA THR F 17 41.93 -17.20 11.01
C THR F 17 41.72 -18.59 11.58
N ILE F 18 40.46 -19.00 11.69
CA ILE F 18 40.09 -20.30 12.24
C ILE F 18 39.52 -21.13 11.10
N HIS F 19 39.96 -22.36 11.01
CA HIS F 19 39.45 -23.30 10.03
C HIS F 19 38.69 -24.41 10.74
N PHE F 20 37.64 -24.90 10.09
CA PHE F 20 36.81 -25.97 10.60
C PHE F 20 36.74 -27.06 9.54
N GLU F 21 36.86 -28.30 9.96
CA GLU F 21 36.74 -29.40 9.02
C GLU F 21 35.96 -30.54 9.66
N ALA F 22 34.92 -31.01 8.98
CA ALA F 22 34.16 -32.15 9.49
C ALA F 22 34.97 -33.43 9.30
N LYS F 23 35.09 -34.20 10.38
CA LYS F 23 35.74 -35.51 10.36
C LYS F 23 34.80 -36.47 11.08
N GLY F 24 34.17 -37.38 10.34
CA GLY F 24 33.15 -38.20 10.96
C GLY F 24 32.10 -37.32 11.61
N ASP F 25 31.75 -37.61 12.87
CA ASP F 25 30.78 -36.80 13.58
C ASP F 25 31.44 -35.77 14.50
N THR F 26 32.69 -35.42 14.25
CA THR F 26 33.38 -34.37 14.99
C THR F 26 33.70 -33.20 14.06
N VAL F 27 34.08 -32.07 14.65
CA VAL F 27 34.61 -30.93 13.88
C VAL F 27 36.01 -30.61 14.42
N VAL F 28 36.98 -30.54 13.52
CA VAL F 28 38.36 -30.20 13.85
C VAL F 28 38.56 -28.71 13.63
N VAL F 29 38.96 -28.01 14.69
CA VAL F 29 39.08 -26.56 14.70
C VAL F 29 40.56 -26.21 14.83
N THR F 30 41.08 -25.50 13.85
CA THR F 30 42.50 -25.20 13.81
C THR F 30 42.72 -23.74 13.43
N GLY F 31 43.94 -23.30 13.58
CA GLY F 31 44.31 -21.99 13.14
C GLY F 31 45.18 -21.31 14.19
N SER F 32 45.30 -20.00 14.06
CA SER F 32 46.13 -19.21 14.95
C SER F 32 45.39 -17.93 15.27
N ILE F 33 45.56 -17.48 16.51
CA ILE F 33 45.06 -16.19 16.94
C ILE F 33 46.28 -15.44 17.43
N THR F 34 46.44 -14.21 16.96
CA THR F 34 47.61 -13.42 17.26
C THR F 34 47.22 -12.14 17.98
N GLY F 35 48.20 -11.51 18.61
CA GLY F 35 47.95 -10.29 19.34
C GLY F 35 47.36 -10.47 20.72
N LEU F 36 47.36 -11.69 21.24
CA LEU F 36 46.78 -11.99 22.55
C LEU F 36 47.81 -11.79 23.66
N THR F 37 47.32 -11.63 24.89
CA THR F 37 48.18 -11.74 26.05
C THR F 37 48.53 -13.20 26.29
N GLU F 38 49.71 -13.43 26.87
CA GLU F 38 50.12 -14.80 27.18
C GLU F 38 49.16 -15.46 28.16
N GLY F 39 48.90 -16.75 27.94
CA GLY F 39 48.02 -17.53 28.80
C GLY F 39 46.71 -17.91 28.13
N ASP F 40 45.77 -18.35 28.96
CA ASP F 40 44.52 -18.95 28.52
C ASP F 40 43.46 -17.90 28.21
N HIS F 41 42.64 -18.18 27.21
CA HIS F 41 41.60 -17.28 26.76
C HIS F 41 40.38 -18.10 26.37
N GLY F 42 39.21 -17.70 26.87
CA GLY F 42 37.98 -18.39 26.52
C GLY F 42 37.69 -18.28 25.04
N PHE F 43 37.01 -19.31 24.53
CA PHE F 43 36.87 -19.51 23.07
C PHE F 43 35.54 -20.23 22.86
N HIS F 44 34.55 -19.54 22.28
CA HIS F 44 33.22 -20.11 22.15
C HIS F 44 32.56 -19.76 20.83
N VAL F 45 31.67 -20.65 20.41
CA VAL F 45 30.68 -20.28 19.40
C VAL F 45 29.54 -19.53 20.08
N HIS F 46 29.24 -18.34 19.58
CA HIS F 46 28.08 -17.57 20.03
C HIS F 46 26.96 -17.67 18.99
N GLN F 47 25.75 -17.31 19.43
CA GLN F 47 24.51 -17.68 18.71
C GLN F 47 24.39 -16.98 17.36
N PHE F 48 24.67 -15.68 17.27
CA PHE F 48 24.33 -14.90 16.08
C PHE F 48 25.56 -14.46 15.29
N GLY F 49 25.48 -14.58 13.96
CA GLY F 49 26.52 -14.08 13.08
C GLY F 49 26.28 -12.63 12.75
N ASP F 50 26.11 -11.82 13.80
CA ASP F 50 25.70 -10.43 13.68
C ASP F 50 26.85 -9.56 14.19
N ASN F 51 27.49 -8.85 13.27
CA ASN F 51 28.63 -7.98 13.61
C ASN F 51 28.25 -6.48 13.58
N THR F 52 26.95 -6.16 13.60
CA THR F 52 26.55 -4.75 13.54
C THR F 52 26.99 -3.97 14.77
N GLN F 53 27.06 -4.62 15.93
CA GLN F 53 27.54 -3.97 17.15
C GLN F 53 28.80 -4.64 17.65
N GLY F 54 29.79 -4.76 16.77
CA GLY F 54 31.03 -5.40 17.19
C GLY F 54 30.74 -6.83 17.59
N CYS F 55 31.43 -7.28 18.63
CA CYS F 55 31.25 -8.62 19.13
C CYS F 55 30.03 -8.77 20.05
N THR F 56 29.48 -7.66 20.55
CA THR F 56 28.32 -7.76 21.43
C THR F 56 27.09 -8.31 20.70
N SER F 57 26.90 -7.94 19.44
CA SER F 57 25.70 -8.40 18.76
C SER F 57 25.73 -9.90 18.44
N ALA F 58 26.85 -10.59 18.71
CA ALA F 58 26.87 -12.04 18.52
C ALA F 58 25.97 -12.76 19.51
N GLY F 59 25.49 -12.08 20.56
CA GLY F 59 24.65 -12.73 21.52
C GLY F 59 25.42 -13.67 22.44
N PRO F 60 24.70 -14.59 23.07
CA PRO F 60 25.31 -15.46 24.08
C PRO F 60 25.98 -16.67 23.45
N HIS F 61 26.56 -17.50 24.32
CA HIS F 61 27.07 -18.79 23.86
C HIS F 61 25.96 -19.54 23.17
N PHE F 62 26.30 -20.15 22.02
CA PHE F 62 25.33 -20.95 21.31
C PHE F 62 24.86 -22.09 22.19
N ASN F 63 23.55 -22.12 22.50
CA ASN F 63 23.03 -23.02 23.52
C ASN F 63 21.65 -23.54 23.13
N PRO F 64 21.53 -24.26 22.00
CA PRO F 64 20.21 -24.68 21.55
C PRO F 64 19.53 -25.69 22.46
N LEU F 65 20.28 -26.43 23.26
CA LEU F 65 19.72 -27.40 24.20
C LEU F 65 19.45 -26.82 25.58
N SER F 66 19.70 -25.52 25.77
CA SER F 66 19.36 -24.82 27.01
C SER F 66 20.00 -25.47 28.23
N LYS F 67 21.29 -25.76 28.11
CA LYS F 67 22.05 -26.33 29.20
C LYS F 67 22.88 -25.24 29.86
N LYS F 68 23.57 -25.60 30.93
CA LYS F 68 24.44 -24.70 31.65
C LYS F 68 25.85 -24.70 31.04
N HIS F 69 26.59 -23.63 31.30
CA HIS F 69 27.94 -23.50 30.78
C HIS F 69 28.89 -24.54 31.37
N GLY F 70 29.76 -25.07 30.51
CA GLY F 70 30.79 -26.00 30.95
C GLY F 70 32.03 -26.00 30.08
N GLY F 71 32.91 -26.98 30.30
CA GLY F 71 34.03 -27.20 29.42
C GLY F 71 33.66 -28.14 28.30
N PRO F 72 34.48 -28.16 27.24
CA PRO F 72 34.15 -29.01 26.09
C PRO F 72 34.08 -30.50 26.43
N LYS F 73 34.77 -30.94 27.48
CA LYS F 73 34.71 -32.34 27.87
C LYS F 73 33.49 -32.69 28.69
N ASP F 74 32.79 -31.68 29.21
CA ASP F 74 31.67 -31.94 30.12
C ASP F 74 30.43 -32.34 29.34
N GLU F 75 29.61 -33.16 29.98
CA GLU F 75 28.29 -33.44 29.45
C GLU F 75 27.33 -32.27 29.59
N GLU F 76 27.38 -31.55 30.71
CA GLU F 76 26.58 -30.33 30.86
C GLU F 76 27.42 -29.18 30.30
N ARG F 77 27.09 -28.75 29.08
CA ARG F 77 27.83 -27.68 28.44
C ARG F 77 26.94 -27.07 27.36
N HIS F 78 27.27 -25.84 26.99
CA HIS F 78 26.67 -25.28 25.79
C HIS F 78 27.30 -25.94 24.57
N VAL F 79 26.51 -26.03 23.49
CA VAL F 79 27.09 -26.51 22.23
C VAL F 79 28.31 -25.68 21.87
N GLY F 80 28.25 -24.36 22.09
CA GLY F 80 29.35 -23.50 21.71
C GLY F 80 30.58 -23.50 22.61
N ASP F 81 30.59 -24.29 23.67
CA ASP F 81 31.65 -24.23 24.67
C ASP F 81 32.88 -24.98 24.19
N LEU F 82 33.86 -24.27 23.64
CA LEU F 82 35.10 -24.90 23.21
C LEU F 82 36.27 -24.63 24.17
N GLY F 83 36.00 -24.10 25.37
CA GLY F 83 37.03 -24.10 26.41
C GLY F 83 38.01 -22.96 26.25
N ASN F 84 39.30 -23.27 26.37
CA ASN F 84 40.36 -22.28 26.38
C ASN F 84 41.35 -22.53 25.25
N VAL F 85 41.79 -21.45 24.62
CA VAL F 85 43.00 -21.48 23.81
C VAL F 85 44.11 -20.85 24.63
N THR F 86 45.36 -21.23 24.33
CA THR F 86 46.52 -20.84 25.12
C THR F 86 47.52 -20.09 24.22
N ALA F 87 47.78 -18.84 24.56
CA ALA F 87 48.75 -18.03 23.82
C ALA F 87 50.13 -18.13 24.49
N ASP F 88 51.18 -18.15 23.66
CA ASP F 88 52.55 -18.22 24.16
C ASP F 88 53.03 -16.82 24.53
N LYS F 89 54.32 -16.70 24.86
CA LYS F 89 54.90 -15.41 25.23
C LYS F 89 54.79 -14.39 24.10
N ASN F 90 54.75 -14.86 22.86
CA ASN F 90 54.66 -14.00 21.69
C ASN F 90 53.21 -13.63 21.35
N GLY F 91 52.26 -14.04 22.19
CA GLY F 91 50.86 -13.69 22.00
C GLY F 91 50.11 -14.53 20.98
N VAL F 92 50.67 -15.64 20.56
CA VAL F 92 50.09 -16.48 19.52
C VAL F 92 49.53 -17.74 20.17
N ALA F 93 48.26 -18.01 19.89
CA ALA F 93 47.63 -19.25 20.32
C ALA F 93 47.41 -20.11 19.09
N ILE F 94 47.98 -21.31 19.10
CA ILE F 94 47.75 -22.29 18.06
C ILE F 94 46.53 -23.07 18.49
N VAL F 95 45.48 -23.03 17.68
CA VAL F 95 44.22 -23.67 18.03
C VAL F 95 44.25 -25.08 17.51
N ASP F 96 43.95 -26.04 18.40
CA ASP F 96 43.99 -27.46 18.07
C ASP F 96 42.87 -28.12 18.87
N ILE F 97 41.68 -28.17 18.28
CA ILE F 97 40.50 -28.64 18.99
C ILE F 97 39.78 -29.64 18.12
N VAL F 98 39.42 -30.78 18.72
CA VAL F 98 38.55 -31.75 18.10
C VAL F 98 37.29 -31.80 18.93
N ASP F 99 36.15 -31.43 18.35
CA ASP F 99 34.96 -31.33 19.16
C ASP F 99 33.86 -32.24 18.64
N PRO F 100 33.20 -33.01 19.49
CA PRO F 100 32.13 -33.91 19.05
C PRO F 100 30.73 -33.31 19.04
N LEU F 101 30.54 -32.11 19.59
CA LEU F 101 29.21 -31.56 19.75
C LEU F 101 28.84 -30.51 18.69
N ILE F 102 29.75 -29.58 18.36
CA ILE F 102 29.45 -28.65 17.26
C ILE F 102 29.34 -29.41 15.95
N SER F 103 28.70 -28.79 14.98
CA SER F 103 28.53 -29.40 13.67
C SER F 103 28.57 -28.31 12.61
N LEU F 104 28.91 -28.70 11.39
CA LEU F 104 28.86 -27.78 10.26
C LEU F 104 27.61 -27.98 9.41
N SER F 105 26.67 -28.84 9.86
CA SER F 105 25.44 -29.06 9.12
C SER F 105 24.33 -29.49 10.08
N GLY F 106 23.09 -29.38 9.60
CA GLY F 106 21.95 -29.85 10.40
C GLY F 106 21.60 -28.92 11.54
N GLU F 107 20.97 -29.49 12.58
CA GLU F 107 20.43 -28.73 13.72
C GLU F 107 21.51 -27.97 14.48
N TYR F 108 22.66 -28.58 14.69
CA TYR F 108 23.69 -27.93 15.48
C TYR F 108 24.63 -27.10 14.63
N SER F 109 24.23 -26.77 13.40
CA SER F 109 25.17 -26.10 12.51
C SER F 109 25.62 -24.77 13.08
N ILE F 110 26.92 -24.57 13.07
CA ILE F 110 27.48 -23.29 13.47
C ILE F 110 27.80 -22.41 12.27
N ILE F 111 27.51 -22.85 11.03
CA ILE F 111 27.66 -21.96 9.88
C ILE F 111 26.77 -20.74 10.05
N GLY F 112 27.36 -19.57 9.84
CA GLY F 112 26.67 -18.31 10.00
C GLY F 112 26.58 -17.84 11.44
N ARG F 113 27.21 -18.54 12.37
CA ARG F 113 27.25 -18.08 13.75
C ARG F 113 28.60 -17.38 13.95
N THR F 114 29.00 -17.12 15.19
CA THR F 114 30.17 -16.26 15.44
C THR F 114 31.16 -16.96 16.36
N MET F 115 32.45 -16.93 16.00
CA MET F 115 33.50 -17.30 16.95
C MET F 115 33.95 -16.06 17.72
N VAL F 116 34.14 -16.23 19.03
CA VAL F 116 34.58 -15.16 19.92
C VAL F 116 35.74 -15.69 20.76
N VAL F 117 36.81 -14.89 20.85
CA VAL F 117 37.91 -15.15 21.78
C VAL F 117 37.89 -14.06 22.84
N HIS F 118 38.20 -14.43 24.08
CA HIS F 118 37.92 -13.60 25.24
C HIS F 118 39.18 -13.07 25.91
N GLU F 119 38.94 -12.13 26.81
CA GLU F 119 40.02 -11.44 27.52
C GLU F 119 40.68 -12.33 28.57
N LYS F 120 39.89 -13.14 29.26
CA LYS F 120 40.36 -13.90 30.40
C LYS F 120 40.15 -15.40 30.19
N PRO F 121 40.73 -16.27 31.02
CA PRO F 121 40.43 -17.70 30.90
C PRO F 121 38.98 -18.01 31.20
N ASP F 122 38.48 -19.05 30.52
CA ASP F 122 37.19 -19.65 30.81
C ASP F 122 37.36 -20.62 31.97
N ASP F 123 36.61 -20.40 33.07
CA ASP F 123 36.74 -21.29 34.21
C ASP F 123 35.99 -22.60 34.04
N LEU F 124 35.43 -22.84 32.85
CA LEU F 124 34.79 -24.12 32.48
C LEU F 124 33.56 -24.41 33.33
N GLY F 125 32.93 -23.36 33.86
CA GLY F 125 31.72 -23.50 34.65
C GLY F 125 31.93 -23.95 36.07
N ARG F 126 33.18 -23.96 36.56
CA ARG F 126 33.47 -24.43 37.91
C ARG F 126 33.89 -23.31 38.84
N GLY F 127 33.50 -22.07 38.54
CA GLY F 127 33.96 -20.95 39.34
C GLY F 127 33.20 -20.74 40.63
N GLY F 128 32.09 -21.44 40.83
CA GLY F 128 31.34 -21.37 42.06
C GLY F 128 30.33 -20.25 42.15
N ASN F 129 30.34 -19.30 41.21
CA ASN F 129 29.38 -18.20 41.23
C ASN F 129 28.42 -18.31 40.06
N GLU F 130 27.40 -17.44 40.09
CA GLU F 130 26.35 -17.49 39.07
C GLU F 130 26.91 -17.25 37.67
N GLU F 131 27.82 -16.27 37.54
CA GLU F 131 28.37 -15.93 36.23
C GLU F 131 29.20 -17.05 35.63
N SER F 132 29.72 -17.96 36.46
CA SER F 132 30.52 -19.07 35.93
C SER F 132 29.68 -20.03 35.11
N THR F 133 28.44 -20.29 35.54
CA THR F 133 27.52 -21.19 34.85
C THR F 133 26.86 -20.56 33.64
N LYS F 134 27.13 -19.29 33.36
CA LYS F 134 26.59 -18.59 32.20
C LYS F 134 27.66 -18.29 31.17
N THR F 135 28.78 -17.68 31.58
CA THR F 135 29.83 -17.25 30.66
C THR F 135 31.19 -17.83 31.00
N GLY F 136 31.30 -18.58 32.09
CA GLY F 136 32.62 -19.03 32.53
C GLY F 136 33.55 -17.93 32.97
N ASN F 137 33.05 -16.71 33.21
CA ASN F 137 33.85 -15.58 33.68
C ASN F 137 35.00 -15.24 32.75
N ALA F 138 34.77 -15.41 31.44
CA ALA F 138 35.83 -15.16 30.48
C ALA F 138 36.01 -13.68 30.14
N GLY F 139 35.12 -12.81 30.59
CA GLY F 139 35.34 -11.39 30.40
C GLY F 139 35.00 -10.91 28.99
N SER F 140 35.58 -9.78 28.63
CA SER F 140 35.20 -9.07 27.41
C SER F 140 35.59 -9.85 26.16
N ARG F 141 34.94 -9.48 25.06
CA ARG F 141 35.13 -10.12 23.76
C ARG F 141 36.18 -9.35 22.96
N LEU F 142 37.33 -9.97 22.70
CA LEU F 142 38.44 -9.26 22.07
C LEU F 142 38.31 -9.22 20.56
N ALA F 143 37.84 -10.30 19.95
CA ALA F 143 37.73 -10.37 18.49
C ALA F 143 36.70 -11.43 18.14
N CYS F 144 36.16 -11.33 16.94
N CYS F 144 36.17 -11.31 16.93
CA CYS F 144 35.10 -12.25 16.55
CA CYS F 144 35.11 -12.25 16.53
C CYS F 144 34.99 -12.23 15.04
C CYS F 144 34.91 -12.17 15.03
N GLY F 145 34.31 -13.23 14.51
CA GLY F 145 34.02 -13.26 13.10
C GLY F 145 32.89 -14.22 12.84
N VAL F 146 32.22 -14.01 11.71
CA VAL F 146 31.14 -14.88 11.27
C VAL F 146 31.76 -16.12 10.62
N ILE F 147 31.21 -17.27 10.94
CA ILE F 147 31.70 -18.54 10.42
C ILE F 147 31.11 -18.76 9.03
N GLY F 148 31.97 -18.91 8.02
CA GLY F 148 31.50 -18.98 6.65
C GLY F 148 31.85 -20.29 5.97
N ILE F 149 31.12 -20.63 4.90
CA ILE F 149 31.42 -21.82 4.10
C ILE F 149 32.74 -21.62 3.35
N ALA F 150 33.61 -22.63 3.42
CA ALA F 150 34.92 -22.61 2.78
C ALA F 150 34.98 -23.67 1.67
N LYS F 151 35.87 -23.44 0.72
CA LYS F 151 36.03 -24.34 -0.41
C LYS F 151 36.62 -25.69 0.05
N ALA G 1 -25.32 28.17 -14.56
CA ALA G 1 -26.41 27.61 -15.38
C ALA G 1 -27.66 28.48 -15.26
N THR G 2 -28.46 28.50 -16.32
CA THR G 2 -29.69 29.25 -16.32
C THR G 2 -30.94 28.41 -16.49
N LYS G 3 -30.82 27.12 -16.80
CA LYS G 3 -31.97 26.23 -16.87
C LYS G 3 -31.65 24.92 -16.16
N ALA G 4 -32.65 24.36 -15.51
CA ALA G 4 -32.50 23.10 -14.82
C ALA G 4 -33.79 22.32 -14.95
N VAL G 5 -33.75 21.04 -14.60
CA VAL G 5 -34.93 20.18 -14.74
C VAL G 5 -34.86 19.07 -13.71
N CYS G 6 -36.03 18.57 -13.30
CA CYS G 6 -36.07 17.54 -12.26
C CYS G 6 -37.24 16.61 -12.58
N VAL G 7 -37.01 15.31 -12.61
CA VAL G 7 -38.09 14.34 -12.80
C VAL G 7 -38.37 13.66 -11.46
N LEU G 8 -39.59 13.85 -10.95
CA LEU G 8 -39.99 13.34 -9.65
C LEU G 8 -40.55 11.93 -9.79
N LYS G 9 -40.05 11.00 -8.97
CA LYS G 9 -40.52 9.63 -8.94
C LYS G 9 -40.51 9.12 -7.51
N GLY G 10 -41.37 8.13 -7.24
CA GLY G 10 -41.44 7.54 -5.93
C GLY G 10 -41.96 6.11 -6.01
N ASP G 11 -42.31 5.52 -4.88
CA ASP G 11 -42.81 4.14 -4.86
C ASP G 11 -44.29 4.02 -5.19
N GLY G 12 -45.04 5.12 -5.21
CA GLY G 12 -46.45 5.09 -5.52
C GLY G 12 -46.73 5.74 -6.87
N PRO G 13 -47.92 6.32 -7.03
CA PRO G 13 -48.33 6.85 -8.34
C PRO G 13 -47.92 8.29 -8.65
N VAL G 14 -47.34 9.01 -7.69
CA VAL G 14 -47.05 10.43 -7.88
C VAL G 14 -45.81 10.56 -8.78
N GLN G 15 -45.94 11.36 -9.84
CA GLN G 15 -44.86 11.60 -10.77
C GLN G 15 -44.98 13.02 -11.30
N GLY G 16 -43.91 13.52 -11.89
CA GLY G 16 -43.94 14.86 -12.44
C GLY G 16 -42.60 15.29 -12.99
N THR G 17 -42.66 16.35 -13.81
CA THR G 17 -41.49 16.99 -14.40
C THR G 17 -41.50 18.48 -14.02
N ILE G 18 -40.40 18.93 -13.44
CA ILE G 18 -40.25 20.30 -12.98
C ILE G 18 -39.15 20.96 -13.79
N HIS G 19 -39.39 22.16 -14.29
CA HIS G 19 -38.40 22.95 -15.00
C HIS G 19 -38.07 24.18 -14.17
N PHE G 20 -36.80 24.62 -14.23
CA PHE G 20 -36.32 25.80 -13.54
C PHE G 20 -35.65 26.70 -14.57
N GLU G 21 -35.93 27.99 -14.48
CA GLU G 21 -35.29 28.97 -15.36
C GLU G 21 -34.92 30.21 -14.56
N ALA G 22 -33.68 30.64 -14.68
CA ALA G 22 -33.26 31.86 -14.03
C ALA G 22 -33.82 33.05 -14.82
N LYS G 23 -34.46 33.97 -14.11
CA LYS G 23 -34.95 35.23 -14.68
C LYS G 23 -34.50 36.33 -13.72
N GLY G 24 -33.54 37.14 -14.17
CA GLY G 24 -32.97 38.12 -13.24
C GLY G 24 -32.43 37.43 -12.02
N ASP G 25 -32.79 37.92 -10.84
CA ASP G 25 -32.38 37.31 -9.59
C ASP G 25 -33.43 36.37 -9.02
N THR G 26 -34.35 35.88 -9.85
CA THR G 26 -35.35 34.90 -9.43
C THR G 26 -35.13 33.59 -10.16
N VAL G 27 -35.82 32.55 -9.70
CA VAL G 27 -35.95 31.30 -10.44
C VAL G 27 -37.43 31.01 -10.66
N VAL G 28 -37.80 30.76 -11.91
CA VAL G 28 -39.16 30.45 -12.30
C VAL G 28 -39.27 28.93 -12.32
N VAL G 29 -40.20 28.39 -11.53
CA VAL G 29 -40.38 26.95 -11.36
C VAL G 29 -41.73 26.59 -11.95
N THR G 30 -41.72 25.70 -12.94
CA THR G 30 -42.93 25.32 -13.65
C THR G 30 -42.97 23.82 -13.81
N GLY G 31 -44.14 23.31 -14.20
CA GLY G 31 -44.31 21.91 -14.50
C GLY G 31 -45.60 21.37 -13.92
N SER G 32 -45.68 20.06 -13.86
CA SER G 32 -46.89 19.38 -13.40
C SER G 32 -46.48 18.18 -12.57
N ILE G 33 -47.25 17.94 -11.52
CA ILE G 33 -47.08 16.75 -10.71
C ILE G 33 -48.43 16.05 -10.72
N THR G 34 -48.40 14.75 -10.96
CA THR G 34 -49.60 13.96 -11.17
C THR G 34 -49.70 12.88 -10.10
N GLY G 35 -50.89 12.28 -10.00
CA GLY G 35 -51.08 11.20 -9.04
C GLY G 35 -51.31 11.62 -7.62
N LEU G 36 -51.55 12.89 -7.36
CA LEU G 36 -51.74 13.40 -6.00
C LEU G 36 -53.20 13.30 -5.56
N THR G 37 -53.42 13.35 -4.25
CA THR G 37 -54.77 13.57 -3.75
C THR G 37 -55.12 15.04 -3.90
N GLU G 38 -56.41 15.32 -4.09
CA GLU G 38 -56.85 16.70 -4.26
C GLU G 38 -56.45 17.52 -3.04
N GLY G 39 -56.06 18.77 -3.27
CA GLY G 39 -55.68 19.69 -2.22
C GLY G 39 -54.20 20.02 -2.22
N ASP G 40 -53.75 20.63 -1.12
CA ASP G 40 -52.41 21.17 -1.03
C ASP G 40 -51.41 20.11 -0.61
N HIS G 41 -50.18 20.27 -1.11
CA HIS G 41 -49.09 19.35 -0.83
C HIS G 41 -47.79 20.13 -0.71
N GLY G 42 -47.03 19.87 0.34
CA GLY G 42 -45.74 20.54 0.52
C GLY G 42 -44.76 20.23 -0.60
N PHE G 43 -43.87 21.19 -0.83
CA PHE G 43 -43.01 21.16 -2.03
C PHE G 43 -41.72 21.87 -1.68
N HIS G 44 -40.59 21.15 -1.55
CA HIS G 44 -39.34 21.77 -1.10
C HIS G 44 -38.11 21.25 -1.83
N VAL G 45 -37.07 22.10 -1.87
CA VAL G 45 -35.73 21.63 -2.17
C VAL G 45 -35.13 21.04 -0.90
N HIS G 46 -34.67 19.79 -0.97
CA HIS G 46 -33.94 19.16 0.11
C HIS G 46 -32.45 19.15 -0.21
N GLN G 47 -31.66 18.86 0.84
CA GLN G 47 -30.24 19.21 0.84
C GLN G 47 -29.43 18.36 -0.15
N PHE G 48 -29.69 17.06 -0.20
CA PHE G 48 -28.81 16.13 -0.92
C PHE G 48 -29.50 15.55 -2.14
N GLY G 49 -28.74 15.46 -3.23
CA GLY G 49 -29.17 14.81 -4.46
C GLY G 49 -28.86 13.33 -4.40
N ASP G 50 -29.28 12.69 -3.32
CA ASP G 50 -28.93 11.32 -2.99
C ASP G 50 -30.22 10.51 -3.03
N ASN G 51 -30.36 9.64 -4.04
CA ASN G 51 -31.52 8.78 -4.23
C ASN G 51 -31.25 7.33 -3.82
N THR G 52 -30.21 7.07 -3.04
CA THR G 52 -29.89 5.68 -2.68
C THR G 52 -30.98 5.06 -1.83
N GLN G 53 -31.68 5.86 -1.03
CA GLN G 53 -32.83 5.37 -0.29
C GLN G 53 -34.10 6.06 -0.73
N GLY G 54 -34.36 6.13 -2.03
CA GLY G 54 -35.55 6.84 -2.45
C GLY G 54 -35.41 8.27 -1.98
N CYS G 55 -36.52 8.83 -1.52
CA CYS G 55 -36.56 10.21 -1.04
C CYS G 55 -36.03 10.41 0.38
N THR G 56 -35.86 9.34 1.16
CA THR G 56 -35.37 9.51 2.52
C THR G 56 -33.95 10.07 2.56
N SER G 57 -33.09 9.61 1.66
CA SER G 57 -31.70 10.05 1.68
C SER G 57 -31.50 11.47 1.16
N ALA G 58 -32.56 12.16 0.73
CA ALA G 58 -32.40 13.55 0.32
C ALA G 58 -32.10 14.47 1.50
N GLY G 59 -32.28 13.99 2.73
CA GLY G 59 -32.02 14.80 3.90
C GLY G 59 -33.08 15.85 4.16
N PRO G 60 -32.72 16.87 4.94
CA PRO G 60 -33.72 17.86 5.38
C PRO G 60 -33.93 18.91 4.31
N HIS G 61 -34.82 19.86 4.60
CA HIS G 61 -34.96 21.01 3.72
C HIS G 61 -33.61 21.72 3.58
N PHE G 62 -33.29 22.12 2.35
CA PHE G 62 -32.07 22.87 2.09
C PHE G 62 -32.13 24.18 2.88
N ASN G 63 -31.18 24.33 3.81
CA ASN G 63 -31.24 25.40 4.81
C ASN G 63 -29.83 25.89 5.11
N PRO G 64 -29.15 26.46 4.11
CA PRO G 64 -27.76 26.89 4.33
C PRO G 64 -27.63 28.06 5.29
N LEU G 65 -28.69 28.83 5.51
CA LEU G 65 -28.67 29.97 6.42
C LEU G 65 -29.12 29.62 7.84
N SER G 66 -29.46 28.35 8.10
CA SER G 66 -29.82 27.87 9.44
C SER G 66 -31.01 28.64 10.03
N LYS G 67 -32.07 28.84 9.24
CA LYS G 67 -33.28 29.51 9.68
C LYS G 67 -34.34 28.46 10.03
N LYS G 68 -35.46 28.89 10.63
CA LYS G 68 -36.45 27.85 10.84
C LYS G 68 -37.37 27.85 9.62
N HIS G 69 -38.11 26.76 9.45
CA HIS G 69 -39.01 26.58 8.33
C HIS G 69 -40.06 27.69 8.24
N GLY G 70 -40.42 28.04 7.00
CA GLY G 70 -41.49 29.01 6.75
C GLY G 70 -42.13 28.79 5.39
N GLY G 71 -42.97 29.75 4.98
CA GLY G 71 -43.52 29.77 3.65
C GLY G 71 -42.61 30.55 2.71
N PRO G 72 -42.82 30.40 1.40
CA PRO G 72 -41.92 31.09 0.45
C PRO G 72 -41.97 32.60 0.54
N LYS G 73 -43.08 33.18 1.00
CA LYS G 73 -43.18 34.64 1.15
C LYS G 73 -42.54 35.16 2.43
N ASP G 74 -42.21 34.29 3.39
CA ASP G 74 -41.68 34.72 4.67
C ASP G 74 -40.19 35.08 4.55
N GLU G 75 -39.77 36.05 5.35
CA GLU G 75 -38.34 36.30 5.46
C GLU G 75 -37.64 35.18 6.21
N GLU G 76 -38.29 34.65 7.24
CA GLU G 76 -37.77 33.50 7.97
C GLU G 76 -38.26 32.24 7.27
N ARG G 77 -37.38 31.60 6.51
CA ARG G 77 -37.69 30.39 5.77
C ARG G 77 -36.37 29.71 5.42
N HIS G 78 -36.47 28.42 5.12
CA HIS G 78 -35.34 27.75 4.50
C HIS G 78 -35.25 28.20 3.05
N VAL G 79 -34.03 28.18 2.49
CA VAL G 79 -33.88 28.44 1.07
C VAL G 79 -34.79 27.50 0.28
N GLY G 80 -34.88 26.24 0.69
CA GLY G 80 -35.67 25.25 -0.05
C GLY G 80 -37.18 25.31 0.10
N ASP G 81 -37.69 26.27 0.87
CA ASP G 81 -39.12 26.32 1.20
C ASP G 81 -39.92 26.91 0.04
N LEU G 82 -40.51 26.06 -0.79
CA LEU G 82 -41.35 26.55 -1.88
C LEU G 82 -42.85 26.37 -1.58
N GLY G 83 -43.22 26.06 -0.35
CA GLY G 83 -44.61 26.14 0.05
C GLY G 83 -45.45 24.97 -0.38
N ASN G 84 -46.64 25.26 -0.90
CA ASN G 84 -47.60 24.22 -1.27
C ASN G 84 -47.88 24.30 -2.75
N VAL G 85 -47.97 23.16 -3.37
CA VAL G 85 -48.58 23.05 -4.68
C VAL G 85 -49.98 22.48 -4.47
N THR G 86 -50.88 22.76 -5.41
CA THR G 86 -52.30 22.45 -5.21
C THR G 86 -52.78 21.52 -6.31
N ALA G 87 -53.22 20.33 -5.92
CA ALA G 87 -53.76 19.36 -6.87
C ALA G 87 -55.27 19.52 -7.00
N ASP G 88 -55.76 19.39 -8.23
CA ASP G 88 -57.17 19.56 -8.51
C ASP G 88 -57.90 18.25 -8.21
N LYS G 89 -59.18 18.16 -8.64
CA LYS G 89 -59.95 16.93 -8.46
C LYS G 89 -59.34 15.77 -9.21
N ASN G 90 -58.63 16.04 -10.30
CA ASN G 90 -58.01 15.00 -11.10
C ASN G 90 -56.60 14.64 -10.61
N GLY G 91 -56.20 15.16 -9.45
CA GLY G 91 -54.91 14.81 -8.87
C GLY G 91 -53.72 15.51 -9.48
N VAL G 92 -53.95 16.58 -10.25
CA VAL G 92 -52.89 17.29 -10.95
C VAL G 92 -52.66 18.64 -10.29
N ALA G 93 -51.40 18.93 -9.97
CA ALA G 93 -50.98 20.24 -9.50
C ALA G 93 -50.12 20.86 -10.60
N ILE G 94 -50.55 22.01 -11.10
CA ILE G 94 -49.76 22.77 -12.06
C ILE G 94 -48.86 23.68 -11.24
N VAL G 95 -47.55 23.54 -11.42
CA VAL G 95 -46.59 24.27 -10.62
C VAL G 95 -46.28 25.58 -11.32
N ASP G 96 -46.39 26.67 -10.59
CA ASP G 96 -46.13 28.00 -11.14
C ASP G 96 -45.62 28.85 -9.98
N ILE G 97 -44.30 28.86 -9.82
CA ILE G 97 -43.67 29.49 -8.68
C ILE G 97 -42.58 30.40 -9.22
N VAL G 98 -42.56 31.63 -8.73
CA VAL G 98 -41.48 32.57 -8.99
C VAL G 98 -40.84 32.84 -7.65
N ASP G 99 -39.58 32.43 -7.48
CA ASP G 99 -38.99 32.51 -6.17
C ASP G 99 -37.74 33.38 -6.19
N PRO G 100 -37.60 34.30 -5.24
CA PRO G 100 -36.41 35.16 -5.21
C PRO G 100 -35.23 34.62 -4.43
N LEU G 101 -35.38 33.52 -3.70
CA LEU G 101 -34.31 33.05 -2.82
C LEU G 101 -33.50 31.88 -3.39
N ILE G 102 -34.14 30.86 -3.96
CA ILE G 102 -33.35 29.80 -4.59
C ILE G 102 -32.58 30.35 -5.78
N SER G 103 -31.51 29.65 -6.15
CA SER G 103 -30.72 30.07 -7.30
C SER G 103 -30.20 28.82 -7.99
N LEU G 104 -29.87 28.95 -9.27
CA LEU G 104 -29.26 27.86 -10.02
C LEU G 104 -27.75 28.01 -10.15
N SER G 105 -27.16 28.98 -9.45
CA SER G 105 -25.73 29.18 -9.49
C SER G 105 -25.27 29.76 -8.18
N GLY G 106 -23.96 29.71 -7.98
CA GLY G 106 -23.39 30.32 -6.81
C GLY G 106 -23.56 29.52 -5.54
N GLU G 107 -23.23 30.15 -4.43
CA GLU G 107 -23.20 29.52 -3.10
C GLU G 107 -24.42 28.71 -2.71
N TYR G 108 -25.58 29.25 -3.01
CA TYR G 108 -26.87 28.64 -2.68
C TYR G 108 -27.50 27.90 -3.85
N SER G 109 -26.70 27.48 -4.83
CA SER G 109 -27.24 26.80 -6.00
C SER G 109 -27.99 25.53 -5.58
N ILE G 110 -29.14 25.30 -6.20
CA ILE G 110 -29.88 24.07 -5.94
C ILE G 110 -29.55 22.98 -6.96
N ILE G 111 -28.61 23.24 -7.90
CA ILE G 111 -28.20 22.20 -8.86
C ILE G 111 -27.62 21.02 -8.09
N GLY G 112 -28.09 19.82 -8.42
CA GLY G 112 -27.61 18.63 -7.74
C GLY G 112 -28.25 18.34 -6.40
N ARG G 113 -29.25 19.11 -6.00
CA ARG G 113 -30.00 18.82 -4.79
C ARG G 113 -31.31 18.14 -5.21
N THR G 114 -32.28 18.03 -4.30
CA THR G 114 -33.46 17.21 -4.58
C THR G 114 -34.77 17.98 -4.39
N MET G 115 -35.69 17.87 -5.36
CA MET G 115 -37.07 18.35 -5.16
C MET G 115 -37.90 17.23 -4.54
N VAL G 116 -38.73 17.57 -3.54
CA VAL G 116 -39.62 16.61 -2.88
C VAL G 116 -41.03 17.18 -2.81
N VAL G 117 -42.04 16.36 -3.18
CA VAL G 117 -43.44 16.70 -2.98
C VAL G 117 -44.03 15.77 -1.92
N HIS G 118 -44.90 16.33 -1.06
CA HIS G 118 -45.28 15.71 0.20
C HIS G 118 -46.74 15.28 0.22
N GLU G 119 -47.03 14.48 1.24
CA GLU G 119 -48.35 13.90 1.43
C GLU G 119 -49.37 14.89 1.97
N LYS G 120 -48.97 15.78 2.91
CA LYS G 120 -50.00 16.61 3.52
C LYS G 120 -49.58 18.05 3.18
N PRO G 121 -50.42 19.05 3.45
CA PRO G 121 -49.98 20.43 3.26
C PRO G 121 -48.88 20.88 4.22
N ASP G 122 -48.10 21.86 3.76
CA ASP G 122 -47.13 22.59 4.56
C ASP G 122 -47.85 23.70 5.35
N ASP G 123 -47.71 23.69 6.67
CA ASP G 123 -48.34 24.74 7.48
C ASP G 123 -47.55 26.05 7.47
N LEU G 124 -46.46 26.13 6.69
CA LEU G 124 -45.68 27.35 6.47
C LEU G 124 -45.02 27.87 7.74
N GLY G 125 -44.80 27.00 8.72
CA GLY G 125 -44.13 27.42 9.94
C GLY G 125 -45.03 28.20 10.88
N ASN G 129 -45.41 24.56 15.97
CA ASN G 129 -44.77 23.67 16.95
C ASN G 129 -43.36 23.32 16.51
N GLU G 130 -42.78 22.35 17.23
CA GLU G 130 -41.42 21.91 16.95
C GLU G 130 -41.29 21.44 15.52
N GLU G 131 -42.00 20.38 15.16
CA GLU G 131 -41.92 19.84 13.82
C GLU G 131 -42.33 20.87 12.77
N SER G 132 -43.16 21.85 13.14
CA SER G 132 -43.49 22.92 12.22
C SER G 132 -42.26 23.77 11.90
N THR G 133 -41.39 24.01 12.88
CA THR G 133 -40.22 24.83 12.63
C THR G 133 -39.15 24.11 11.84
N LYS G 134 -39.31 22.81 11.59
CA LYS G 134 -38.38 22.04 10.77
C LYS G 134 -38.99 21.62 9.45
N THR G 135 -40.20 21.06 9.45
CA THR G 135 -40.76 20.51 8.23
C THR G 135 -42.09 21.12 7.83
N GLY G 136 -42.68 21.99 8.65
CA GLY G 136 -44.04 22.42 8.35
C GLY G 136 -45.09 21.33 8.46
N ASN G 137 -44.75 20.19 9.06
CA ASN G 137 -45.69 19.08 9.24
C ASN G 137 -46.25 18.60 7.91
N ALA G 138 -45.42 18.60 6.87
CA ALA G 138 -45.89 18.19 5.54
C ALA G 138 -45.96 16.67 5.37
N GLY G 139 -45.47 15.89 6.34
CA GLY G 139 -45.65 14.46 6.27
C GLY G 139 -44.68 13.78 5.32
N SER G 140 -45.11 12.63 4.79
CA SER G 140 -44.30 11.69 4.02
C SER G 140 -43.87 12.28 2.68
N ARG G 141 -42.79 11.72 2.13
CA ARG G 141 -42.22 12.13 0.85
C ARG G 141 -42.77 11.23 -0.25
N LEU G 142 -43.61 11.79 -1.13
CA LEU G 142 -44.27 10.96 -2.15
C LEU G 142 -43.37 10.74 -3.37
N ALA G 143 -42.63 11.75 -3.81
CA ALA G 143 -41.79 11.57 -4.99
C ALA G 143 -40.68 12.61 -4.93
N CYS G 144 -39.60 12.32 -5.65
CA CYS G 144 -38.43 13.20 -5.61
C CYS G 144 -37.55 12.95 -6.83
N GLY G 145 -36.68 13.90 -7.11
CA GLY G 145 -35.69 13.75 -8.16
C GLY G 145 -34.55 14.72 -7.92
N VAL G 146 -33.41 14.40 -8.53
CA VAL G 146 -32.23 15.25 -8.46
C VAL G 146 -32.37 16.36 -9.47
N ILE G 147 -32.00 17.58 -9.06
CA ILE G 147 -32.12 18.74 -9.94
C ILE G 147 -30.92 18.77 -10.88
N GLY G 148 -31.18 18.72 -12.19
CA GLY G 148 -30.08 18.63 -13.13
C GLY G 148 -29.98 19.81 -14.07
N ILE G 149 -28.79 20.04 -14.63
CA ILE G 149 -28.60 21.08 -15.63
C ILE G 149 -29.35 20.71 -16.91
N ALA G 150 -30.10 21.66 -17.46
CA ALA G 150 -30.90 21.48 -18.67
C ALA G 150 -30.35 22.32 -19.81
N LYS G 151 -30.70 21.93 -21.03
CA LYS G 151 -30.22 22.62 -22.22
C LYS G 151 -30.80 24.03 -22.35
N ALA H 1 -18.80 21.22 -3.35
CA ALA H 1 -19.12 19.86 -2.91
C ALA H 1 -17.88 18.97 -2.95
N THR H 2 -17.78 18.06 -1.99
CA THR H 2 -16.68 17.11 -1.95
C THR H 2 -17.11 15.67 -2.13
N LYS H 3 -18.42 15.39 -2.08
CA LYS H 3 -18.96 14.05 -2.33
C LYS H 3 -20.19 14.17 -3.20
N ALA H 4 -20.36 13.18 -4.08
CA ALA H 4 -21.53 13.13 -4.97
C ALA H 4 -21.94 11.68 -5.16
N VAL H 5 -23.14 11.47 -5.71
CA VAL H 5 -23.68 10.12 -5.86
C VAL H 5 -24.62 10.10 -7.08
N CYS H 6 -24.74 8.94 -7.70
CA CYS H 6 -25.57 8.83 -8.87
C CYS H 6 -26.18 7.44 -8.88
N VAL H 7 -27.49 7.36 -9.02
CA VAL H 7 -28.18 6.08 -9.11
C VAL H 7 -28.56 5.83 -10.57
N LEU H 8 -28.06 4.73 -11.13
CA LEU H 8 -28.30 4.42 -12.55
C LEU H 8 -29.54 3.55 -12.72
N LYS H 9 -30.42 3.93 -13.65
CA LYS H 9 -31.60 3.15 -13.96
C LYS H 9 -31.87 3.24 -15.46
N GLY H 10 -32.55 2.24 -15.99
CA GLY H 10 -32.86 2.25 -17.40
C GLY H 10 -34.12 1.45 -17.69
N ASP H 11 -34.39 1.19 -18.96
CA ASP H 11 -35.55 0.40 -19.35
C ASP H 11 -35.30 -1.09 -19.22
N GLY H 12 -34.05 -1.52 -19.04
CA GLY H 12 -33.75 -2.92 -18.94
C GLY H 12 -33.34 -3.30 -17.53
N PRO H 13 -32.49 -4.32 -17.43
CA PRO H 13 -32.12 -4.84 -16.11
C PRO H 13 -30.94 -4.12 -15.46
N VAL H 14 -30.30 -3.19 -16.15
CA VAL H 14 -29.05 -2.61 -15.66
C VAL H 14 -29.33 -1.62 -14.53
N GLN H 15 -28.64 -1.80 -13.40
CA GLN H 15 -28.75 -0.86 -12.30
C GLN H 15 -27.41 -0.72 -11.61
N GLY H 16 -27.26 0.35 -10.86
CA GLY H 16 -26.02 0.54 -10.14
C GLY H 16 -26.02 1.87 -9.41
N THR H 17 -25.09 1.98 -8.46
CA THR H 17 -24.87 3.19 -7.70
C THR H 17 -23.41 3.60 -7.81
N ILE H 18 -23.18 4.85 -8.21
CA ILE H 18 -21.83 5.39 -8.37
C ILE H 18 -21.59 6.46 -7.31
N HIS H 19 -20.43 6.40 -6.66
CA HIS H 19 -20.02 7.37 -5.67
C HIS H 19 -18.85 8.19 -6.21
N PHE H 20 -18.80 9.46 -5.84
CA PHE H 20 -17.77 10.38 -6.27
C PHE H 20 -17.17 11.08 -5.05
N GLU H 21 -15.83 11.21 -5.01
CA GLU H 21 -15.20 11.93 -3.90
C GLU H 21 -14.05 12.78 -4.41
N ALA H 22 -14.08 14.06 -4.07
CA ALA H 22 -12.98 14.95 -4.41
C ALA H 22 -11.81 14.70 -3.47
N LYS H 23 -10.62 14.50 -4.04
CA LYS H 23 -9.40 14.43 -3.26
C LYS H 23 -8.40 15.34 -3.96
N GLY H 24 -8.13 16.49 -3.38
CA GLY H 24 -7.26 17.43 -4.05
C GLY H 24 -7.82 17.77 -5.43
N ASP H 25 -6.98 17.66 -6.46
CA ASP H 25 -7.42 18.00 -7.80
C ASP H 25 -7.97 16.81 -8.57
N THR H 26 -8.29 15.71 -7.87
CA THR H 26 -8.86 14.55 -8.55
C THR H 26 -10.25 14.24 -8.01
N VAL H 27 -10.96 13.39 -8.75
CA VAL H 27 -12.22 12.81 -8.31
C VAL H 27 -12.07 11.29 -8.32
N VAL H 28 -12.36 10.66 -7.19
CA VAL H 28 -12.30 9.22 -7.06
C VAL H 28 -13.70 8.66 -7.31
N VAL H 29 -13.83 7.78 -8.30
CA VAL H 29 -15.13 7.24 -8.72
C VAL H 29 -15.20 5.76 -8.35
N THR H 30 -16.18 5.40 -7.54
CA THR H 30 -16.34 4.03 -7.06
C THR H 30 -17.80 3.61 -7.15
N GLY H 31 -18.06 2.31 -6.99
CA GLY H 31 -19.42 1.80 -6.98
C GLY H 31 -19.53 0.49 -7.76
N SER H 32 -20.78 0.11 -8.08
CA SER H 32 -21.05 -1.17 -8.73
C SER H 32 -22.21 -1.02 -9.71
N ILE H 33 -22.15 -1.79 -10.80
CA ILE H 33 -23.23 -1.88 -11.77
C ILE H 33 -23.53 -3.35 -12.02
N THR H 34 -24.81 -3.72 -11.98
CA THR H 34 -25.21 -5.11 -12.20
C THR H 34 -26.17 -5.18 -13.39
N GLY H 35 -26.41 -6.41 -13.85
CA GLY H 35 -27.30 -6.63 -14.98
C GLY H 35 -26.67 -6.42 -16.34
N LEU H 36 -25.35 -6.28 -16.41
CA LEU H 36 -24.65 -6.05 -17.66
C LEU H 36 -24.29 -7.37 -18.32
N THR H 37 -24.07 -7.32 -19.63
CA THR H 37 -23.44 -8.46 -20.27
C THR H 37 -21.96 -8.46 -19.91
N GLU H 38 -21.36 -9.65 -19.91
CA GLU H 38 -19.94 -9.78 -19.59
C GLU H 38 -19.10 -8.96 -20.55
N GLY H 39 -18.03 -8.39 -20.03
CA GLY H 39 -17.11 -7.62 -20.85
C GLY H 39 -17.21 -6.13 -20.57
N ASP H 40 -16.63 -5.36 -21.48
CA ASP H 40 -16.48 -3.93 -21.29
C ASP H 40 -17.74 -3.17 -21.73
N HIS H 41 -17.98 -2.05 -21.05
CA HIS H 41 -19.12 -1.18 -21.32
C HIS H 41 -18.68 0.27 -21.17
N GLY H 42 -19.03 1.11 -22.16
CA GLY H 42 -18.67 2.50 -22.09
C GLY H 42 -19.34 3.19 -20.91
N PHE H 43 -18.66 4.21 -20.40
CA PHE H 43 -19.02 4.85 -19.12
C PHE H 43 -18.62 6.33 -19.22
N HIS H 44 -19.60 7.24 -19.31
CA HIS H 44 -19.29 8.66 -19.53
C HIS H 44 -20.22 9.59 -18.75
N VAL H 45 -19.70 10.77 -18.45
CA VAL H 45 -20.52 11.89 -18.00
C VAL H 45 -21.09 12.57 -19.25
N HIS H 46 -22.41 12.66 -19.32
CA HIS H 46 -23.06 13.40 -20.37
C HIS H 46 -23.49 14.79 -19.88
N GLN H 47 -23.78 15.65 -20.84
CA GLN H 47 -23.81 17.09 -20.57
C GLN H 47 -24.95 17.49 -19.65
N PHE H 48 -26.15 16.96 -19.87
CA PHE H 48 -27.32 17.47 -19.17
C PHE H 48 -27.86 16.48 -18.16
N GLY H 49 -28.25 16.99 -16.99
CA GLY H 49 -28.91 16.17 -16.01
C GLY H 49 -30.40 16.13 -16.28
N ASP H 50 -30.75 15.76 -17.51
CA ASP H 50 -32.10 15.81 -18.04
C ASP H 50 -32.56 14.40 -18.34
N ASN H 51 -33.47 13.87 -17.53
CA ASN H 51 -34.01 12.52 -17.69
C ASN H 51 -35.46 12.53 -18.17
N THR H 52 -35.95 13.65 -18.74
CA THR H 52 -37.36 13.68 -19.13
C THR H 52 -37.62 12.64 -20.18
N GLN H 53 -36.61 12.35 -20.99
CA GLN H 53 -36.70 11.31 -22.01
C GLN H 53 -35.66 10.19 -21.86
N GLY H 54 -35.48 9.66 -20.65
CA GLY H 54 -34.53 8.60 -20.42
C GLY H 54 -33.14 9.11 -20.62
N CYS H 55 -32.29 8.26 -21.18
N CYS H 55 -32.29 8.28 -21.23
CA CYS H 55 -30.91 8.65 -21.33
CA CYS H 55 -30.86 8.65 -21.36
C CYS H 55 -30.62 9.53 -22.54
C CYS H 55 -30.61 9.58 -22.54
N THR H 56 -31.51 9.60 -23.54
CA THR H 56 -31.20 10.44 -24.70
C THR H 56 -31.16 11.93 -24.35
N SER H 57 -32.03 12.39 -23.43
CA SER H 57 -32.03 13.82 -23.13
C SER H 57 -30.79 14.24 -22.32
N ALA H 58 -29.93 13.31 -21.94
CA ALA H 58 -28.68 13.72 -21.32
C ALA H 58 -27.76 14.43 -22.30
N GLY H 59 -28.07 14.40 -23.59
CA GLY H 59 -27.22 15.08 -24.52
C GLY H 59 -25.94 14.31 -24.72
N PRO H 60 -24.92 14.99 -25.22
CA PRO H 60 -23.67 14.33 -25.59
C PRO H 60 -22.73 14.18 -24.41
N HIS H 61 -21.57 13.56 -24.68
CA HIS H 61 -20.50 13.53 -23.68
C HIS H 61 -20.13 14.96 -23.29
N PHE H 62 -19.97 15.19 -21.99
CA PHE H 62 -19.61 16.51 -21.49
C PHE H 62 -18.28 16.95 -22.07
N ASN H 63 -18.26 18.08 -22.79
CA ASN H 63 -17.11 18.46 -23.61
C ASN H 63 -16.89 19.97 -23.62
N PRO H 64 -16.59 20.58 -22.46
CA PRO H 64 -16.41 22.04 -22.42
C PRO H 64 -15.15 22.54 -23.14
N LEU H 65 -14.15 21.70 -23.39
CA LEU H 65 -12.96 22.12 -24.12
C LEU H 65 -13.03 21.83 -25.62
N SER H 66 -14.16 21.29 -26.10
CA SER H 66 -14.41 21.09 -27.53
C SER H 66 -13.37 20.18 -28.22
N LYS H 67 -13.09 19.04 -27.58
CA LYS H 67 -12.15 18.09 -28.17
C LYS H 67 -12.89 16.87 -28.74
N LYS H 68 -12.13 15.97 -29.35
CA LYS H 68 -12.68 14.72 -29.85
C LYS H 68 -12.72 13.69 -28.72
N HIS H 69 -13.56 12.66 -28.91
CA HIS H 69 -13.72 11.60 -27.93
C HIS H 69 -12.41 10.82 -27.81
N GLY H 70 -12.07 10.44 -26.57
CA GLY H 70 -10.91 9.63 -26.30
C GLY H 70 -11.08 8.79 -25.05
N GLY H 71 -9.99 8.19 -24.57
CA GLY H 71 -9.98 7.55 -23.28
C GLY H 71 -9.57 8.52 -22.18
N PRO H 72 -9.78 8.12 -20.92
CA PRO H 72 -9.45 9.02 -19.80
C PRO H 72 -7.98 9.38 -19.70
N LYS H 73 -7.07 8.55 -20.23
CA LYS H 73 -5.66 8.88 -20.13
C LYS H 73 -5.20 9.90 -21.18
N ASP H 74 -6.00 10.15 -22.22
CA ASP H 74 -5.60 11.06 -23.29
C ASP H 74 -5.84 12.52 -22.94
N GLU H 75 -4.99 13.38 -23.48
CA GLU H 75 -5.24 14.81 -23.55
C GLU H 75 -6.40 15.13 -24.49
N GLU H 76 -6.50 14.44 -25.62
CA GLU H 76 -7.62 14.62 -26.54
C GLU H 76 -8.72 13.66 -26.08
N ARG H 77 -9.66 14.20 -25.29
CA ARG H 77 -10.77 13.44 -24.74
C ARG H 77 -11.86 14.44 -24.35
N HIS H 78 -13.07 13.95 -24.21
CA HIS H 78 -14.13 14.72 -23.57
C HIS H 78 -13.91 14.73 -22.06
N VAL H 79 -14.36 15.81 -21.39
CA VAL H 79 -14.28 15.81 -19.94
C VAL H 79 -15.03 14.62 -19.38
N GLY H 80 -16.17 14.30 -19.97
CA GLY H 80 -16.97 13.20 -19.47
C GLY H 80 -16.47 11.81 -19.83
N ASP H 81 -15.34 11.69 -20.53
CA ASP H 81 -14.88 10.39 -21.04
C ASP H 81 -14.20 9.62 -19.91
N LEU H 82 -14.89 8.67 -19.30
CA LEU H 82 -14.27 7.87 -18.26
C LEU H 82 -13.91 6.47 -18.72
N GLY H 83 -13.99 6.19 -20.02
CA GLY H 83 -13.47 4.91 -20.54
C GLY H 83 -14.47 3.77 -20.36
N ASN H 84 -13.98 2.63 -19.88
CA ASN H 84 -14.81 1.43 -19.78
C ASN H 84 -14.90 0.90 -18.35
N VAL H 85 -16.09 0.42 -17.97
CA VAL H 85 -16.23 -0.46 -16.81
C VAL H 85 -16.29 -1.89 -17.32
N THR H 86 -15.89 -2.85 -16.49
CA THR H 86 -15.73 -4.25 -16.94
C THR H 86 -16.64 -5.14 -16.10
N ALA H 87 -17.60 -5.79 -16.75
CA ALA H 87 -18.52 -6.70 -16.06
C ALA H 87 -17.99 -8.13 -16.06
N ASP H 88 -18.19 -8.84 -14.96
CA ASP H 88 -17.69 -10.21 -14.88
C ASP H 88 -18.68 -11.17 -15.56
N LYS H 89 -18.42 -12.47 -15.43
CA LYS H 89 -19.29 -13.48 -16.03
C LYS H 89 -20.71 -13.38 -15.50
N ASN H 90 -20.87 -12.89 -14.27
CA ASN H 90 -22.18 -12.73 -13.65
C ASN H 90 -22.83 -11.37 -13.94
N GLY H 91 -22.22 -10.55 -14.79
CA GLY H 91 -22.83 -9.26 -15.11
C GLY H 91 -22.57 -8.13 -14.14
N VAL H 92 -21.60 -8.27 -13.25
CA VAL H 92 -21.28 -7.24 -12.26
C VAL H 92 -19.98 -6.55 -12.64
N ALA H 93 -20.03 -5.22 -12.69
CA ALA H 93 -18.86 -4.37 -12.88
C ALA H 93 -18.58 -3.60 -11.58
N ILE H 94 -17.36 -3.72 -11.09
CA ILE H 94 -16.88 -2.94 -9.95
C ILE H 94 -16.18 -1.71 -10.50
N VAL H 95 -16.66 -0.52 -10.13
CA VAL H 95 -16.12 0.73 -10.65
C VAL H 95 -15.03 1.25 -9.73
N ASP H 96 -13.86 1.55 -10.31
CA ASP H 96 -12.70 2.06 -9.56
C ASP H 96 -11.90 2.94 -10.52
N ILE H 97 -12.20 4.24 -10.50
CA ILE H 97 -11.61 5.19 -11.45
C ILE H 97 -11.13 6.41 -10.68
N VAL H 98 -9.92 6.86 -10.98
CA VAL H 98 -9.40 8.13 -10.46
C VAL H 98 -9.21 9.08 -11.63
N ASP H 99 -9.89 10.24 -11.60
CA ASP H 99 -9.84 11.12 -12.75
C ASP H 99 -9.40 12.55 -12.38
N PRO H 100 -8.46 13.13 -13.12
CA PRO H 100 -8.01 14.48 -12.81
C PRO H 100 -8.78 15.59 -13.51
N LEU H 101 -9.60 15.26 -14.50
CA LEU H 101 -10.24 16.27 -15.32
C LEU H 101 -11.67 16.59 -14.90
N ILE H 102 -12.50 15.59 -14.58
CA ILE H 102 -13.81 15.88 -14.02
C ILE H 102 -13.63 16.56 -12.66
N SER H 103 -14.69 17.22 -12.19
CA SER H 103 -14.65 17.90 -10.89
C SER H 103 -16.04 17.87 -10.28
N LEU H 104 -16.11 18.09 -8.97
CA LEU H 104 -17.39 18.24 -8.28
C LEU H 104 -17.71 19.70 -7.95
N SER H 105 -16.91 20.63 -8.45
CA SER H 105 -17.15 22.04 -8.26
C SER H 105 -16.50 22.81 -9.41
N GLY H 106 -16.88 24.07 -9.55
CA GLY H 106 -16.25 24.92 -10.53
C GLY H 106 -16.67 24.64 -11.96
N GLU H 107 -15.81 25.06 -12.89
CA GLU H 107 -16.18 25.13 -14.30
C GLU H 107 -16.50 23.76 -14.88
N TYR H 108 -15.74 22.73 -14.50
CA TYR H 108 -15.96 21.38 -15.02
C TYR H 108 -16.78 20.52 -14.07
N SER H 109 -17.53 21.13 -13.15
CA SER H 109 -18.34 20.36 -12.24
C SER H 109 -19.31 19.44 -12.98
N ILE H 110 -19.39 18.19 -12.56
CA ILE H 110 -20.36 17.25 -13.09
C ILE H 110 -21.60 17.12 -12.22
N ILE H 111 -21.69 17.89 -11.12
CA ILE H 111 -22.92 17.94 -10.34
C ILE H 111 -24.05 18.44 -11.23
N GLY H 112 -25.17 17.73 -11.22
CA GLY H 112 -26.29 18.07 -12.06
C GLY H 112 -26.17 17.60 -13.49
N ARG H 113 -25.12 16.86 -13.82
CA ARG H 113 -25.00 16.25 -15.14
C ARG H 113 -25.39 14.77 -15.03
N THR H 114 -25.13 13.96 -16.07
CA THR H 114 -25.65 12.60 -16.10
C THR H 114 -24.54 11.58 -16.31
N MET H 115 -24.55 10.52 -15.50
CA MET H 115 -23.71 9.35 -15.73
C MET H 115 -24.46 8.36 -16.62
N VAL H 116 -23.79 7.82 -17.64
CA VAL H 116 -24.40 6.85 -18.55
C VAL H 116 -23.46 5.65 -18.72
N VAL H 117 -24.02 4.45 -18.64
CA VAL H 117 -23.31 3.20 -18.98
C VAL H 117 -23.93 2.62 -20.25
N HIS H 118 -23.09 2.04 -21.10
CA HIS H 118 -23.46 1.72 -22.47
C HIS H 118 -23.54 0.22 -22.77
N GLU H 119 -24.10 -0.06 -23.95
CA GLU H 119 -24.31 -1.44 -24.41
C GLU H 119 -23.02 -2.10 -24.86
N LYS H 120 -22.12 -1.33 -25.51
CA LYS H 120 -20.92 -1.91 -26.10
C LYS H 120 -19.70 -1.35 -25.41
N PRO H 121 -18.52 -1.94 -25.62
CA PRO H 121 -17.29 -1.33 -25.15
C PRO H 121 -17.03 -0.03 -25.88
N ASP H 122 -16.42 0.90 -25.16
CA ASP H 122 -15.91 2.15 -25.71
C ASP H 122 -14.54 1.90 -26.33
N ASP H 123 -14.41 2.17 -27.64
CA ASP H 123 -13.11 1.96 -28.29
C ASP H 123 -12.11 3.09 -28.00
N LEU H 124 -12.45 4.03 -27.12
CA LEU H 124 -11.50 5.03 -26.62
C LEU H 124 -10.97 5.95 -27.72
N GLY H 125 -11.75 6.14 -28.78
CA GLY H 125 -11.34 7.04 -29.85
C GLY H 125 -10.34 6.44 -30.81
N ARG H 126 -10.13 5.13 -30.78
CA ARG H 126 -9.17 4.47 -31.65
C ARG H 126 -9.85 3.49 -32.62
N GLY H 127 -11.14 3.61 -32.89
CA GLY H 127 -11.85 2.63 -33.74
C GLY H 127 -11.64 2.93 -35.22
N GLY H 128 -11.14 4.13 -35.56
CA GLY H 128 -10.87 4.54 -36.96
C GLY H 128 -12.10 4.65 -37.84
N ASN H 129 -13.26 4.91 -37.26
CA ASN H 129 -14.46 5.23 -38.07
C ASN H 129 -14.92 6.58 -37.55
N GLU H 130 -15.91 7.20 -38.18
CA GLU H 130 -16.25 8.56 -37.68
C GLU H 130 -16.83 8.42 -36.27
N GLU H 131 -17.66 7.41 -36.06
CA GLU H 131 -18.36 7.29 -34.77
C GLU H 131 -17.37 7.11 -33.61
N SER H 132 -16.08 6.79 -33.87
CA SER H 132 -15.20 6.58 -32.69
C SER H 132 -14.67 7.91 -32.18
N THR H 133 -14.54 8.93 -33.03
CA THR H 133 -14.10 10.25 -32.57
C THR H 133 -15.22 11.05 -31.93
N LYS H 134 -16.46 10.56 -31.96
CA LYS H 134 -17.59 11.24 -31.33
C LYS H 134 -18.09 10.50 -30.10
N THR H 135 -18.37 9.19 -30.24
CA THR H 135 -18.94 8.40 -29.16
C THR H 135 -18.10 7.19 -28.78
N GLY H 136 -17.02 6.91 -29.49
CA GLY H 136 -16.26 5.69 -29.25
C GLY H 136 -16.98 4.41 -29.59
N ASN H 137 -18.10 4.49 -30.32
CA ASN H 137 -18.88 3.34 -30.75
C ASN H 137 -19.39 2.50 -29.57
N ALA H 138 -19.75 3.16 -28.46
CA ALA H 138 -20.22 2.40 -27.31
C ALA H 138 -21.68 1.98 -27.43
N GLY H 139 -22.40 2.46 -28.46
CA GLY H 139 -23.74 1.96 -28.67
C GLY H 139 -24.78 2.61 -27.76
N SER H 140 -25.87 1.87 -27.54
CA SER H 140 -27.03 2.42 -26.86
C SER H 140 -26.76 2.66 -25.38
N ARG H 141 -27.60 3.49 -24.79
CA ARG H 141 -27.45 3.89 -23.39
C ARG H 141 -28.31 2.94 -22.55
N LEU H 142 -27.66 2.10 -21.76
CA LEU H 142 -28.39 1.09 -21.00
C LEU H 142 -29.01 1.65 -19.72
N ALA H 143 -28.31 2.54 -19.03
CA ALA H 143 -28.81 3.09 -17.78
C ALA H 143 -28.13 4.43 -17.52
N CYS H 144 -28.80 5.27 -16.73
CA CYS H 144 -28.23 6.58 -16.48
C CYS H 144 -28.86 7.17 -15.24
N GLY H 145 -28.21 8.18 -14.70
CA GLY H 145 -28.79 8.92 -13.60
C GLY H 145 -28.13 10.27 -13.45
N VAL H 146 -28.85 11.19 -12.77
CA VAL H 146 -28.32 12.53 -12.50
C VAL H 146 -27.40 12.50 -11.29
N ILE H 147 -26.27 13.19 -11.40
CA ILE H 147 -25.25 13.24 -10.35
C ILE H 147 -25.66 14.27 -9.30
N GLY H 148 -25.81 13.81 -8.06
CA GLY H 148 -26.33 14.67 -7.02
C GLY H 148 -25.32 14.88 -5.91
N ILE H 149 -25.49 15.99 -5.17
CA ILE H 149 -24.63 16.28 -4.03
C ILE H 149 -24.91 15.29 -2.92
N ALA H 150 -23.85 14.73 -2.34
CA ALA H 150 -23.96 13.72 -1.30
C ALA H 150 -23.40 14.24 0.02
N LYS H 151 -23.88 13.64 1.10
CA LYS H 151 -23.37 13.98 2.42
C LYS H 151 -21.96 13.41 2.57
#